data_5KBJ
#
_entry.id   5KBJ
#
_cell.length_a   59.200
_cell.length_b   77.500
_cell.length_c   100.700
_cell.angle_alpha   80.800
_cell.angle_beta   75.500
_cell.angle_gamma   71.900
#
_symmetry.space_group_name_H-M   'P 1'
#
loop_
_entity.id
_entity.type
_entity.pdbx_description
1 polymer 'Replication initiator A, N-terminal'
2 polymer 'DNA (32-MER)'
3 polymer 'DNA (32-MER)'
#
loop_
_entity_poly.entity_id
_entity_poly.type
_entity_poly.pdbx_seq_one_letter_code
_entity_poly.pdbx_strand_id
1 'polypeptide(L)'
;QNQYFTVQENYKERFYQIPKVFFTSENYKNLTNDMKIAYAILRDRLNLSIKNSWVDEDGNIYFVYSNEKLMEILNCKKEK
LTKIKKGLENDGLLIQKRRGLNKPNILYLMKPIVTERDIYKIEKEENDVEPY
;
A,B,C,H,D,E,F,G
2 'polydeoxyribonucleotide'
;(DC)(DG)(DT)(DC)(DC)(DA)(DG)(DA)(DA)(DG)(DT)(DT)(DC)(DG)(DA)(DA)(DA)(DA)(DT)(DC)
(DG)(DA)(DA)(DC)(DG)(DT)(DC)(DC)(DA)(DG)(DA)(DT)
;
R
3 'polydeoxyribonucleotide'
;(DA)(DT)(DC)(DT)(DG)(DG)(DA)(DC)(DG)(DT)(DT)(DC)(DG)(DA)(DT)(DT)(DT)(DT)(DC)(DG)
(DA)(DA)(DC)(DT)(DT)(DC)(DT)(DG)(DG)(DA)(DC)(DG)
;
W
#
loop_
_chem_comp.id
_chem_comp.type
_chem_comp.name
_chem_comp.formula
DA DNA linking 2'-DEOXYADENOSINE-5'-MONOPHOSPHATE 'C10 H14 N5 O6 P'
DC DNA linking 2'-DEOXYCYTIDINE-5'-MONOPHOSPHATE 'C9 H14 N3 O7 P'
DG DNA linking 2'-DEOXYGUANOSINE-5'-MONOPHOSPHATE 'C10 H14 N5 O7 P'
DT DNA linking THYMIDINE-5'-MONOPHOSPHATE 'C10 H15 N2 O8 P'
#
# COMPACT_ATOMS: atom_id res chain seq x y z
N GLN A 3 -20.36 15.47 -28.40
CA GLN A 3 -21.46 14.50 -28.35
C GLN A 3 -21.23 13.61 -27.14
N TYR A 4 -22.01 12.53 -27.03
CA TYR A 4 -21.96 11.62 -25.88
C TYR A 4 -20.71 10.74 -25.81
N PHE A 5 -20.40 10.31 -24.59
CA PHE A 5 -19.31 9.35 -24.35
C PHE A 5 -19.89 7.94 -24.31
N THR A 6 -19.76 7.23 -25.42
CA THR A 6 -20.35 5.91 -25.56
C THR A 6 -19.36 4.81 -25.18
N VAL A 7 -19.82 3.84 -24.40
CA VAL A 7 -19.02 2.70 -24.03
C VAL A 7 -18.75 1.84 -25.27
N GLN A 8 -19.69 1.85 -26.19
CA GLN A 8 -19.53 1.12 -27.45
C GLN A 8 -18.24 1.58 -28.12
N GLU A 9 -17.93 2.86 -27.95
CA GLU A 9 -16.72 3.44 -28.52
C GLU A 9 -15.54 3.33 -27.56
N ASN A 10 -15.83 3.27 -26.26
CA ASN A 10 -14.78 3.18 -25.25
C ASN A 10 -13.82 2.02 -25.50
N TYR A 11 -14.39 0.85 -25.83
CA TYR A 11 -13.59 -0.34 -26.10
C TYR A 11 -13.05 -0.37 -27.53
N LYS A 12 -13.43 0.63 -28.32
CA LYS A 12 -12.83 0.83 -29.64
C LYS A 12 -11.48 1.51 -29.47
N GLU A 13 -11.26 2.06 -28.28
CA GLU A 13 -10.07 2.86 -28.00
C GLU A 13 -9.09 2.11 -27.09
N ARG A 14 -9.32 0.82 -26.92
CA ARG A 14 -8.44 -0.02 -26.11
C ARG A 14 -7.64 -0.94 -27.03
N PHE A 15 -6.31 -0.87 -26.94
CA PHE A 15 -5.45 -1.58 -27.89
C PHE A 15 -4.39 -2.48 -27.24
N TYR A 16 -3.45 -2.92 -28.06
CA TYR A 16 -2.29 -3.68 -27.60
C TYR A 16 -1.03 -2.99 -28.11
N GLN A 17 -0.41 -2.17 -27.27
CA GLN A 17 0.80 -1.43 -27.64
C GLN A 17 1.89 -2.31 -28.24
N ILE A 18 2.46 -1.89 -29.37
CA ILE A 18 3.61 -2.56 -29.95
C ILE A 18 4.70 -1.55 -30.29
N PRO A 19 5.76 -1.53 -29.48
CA PRO A 19 6.88 -0.60 -29.63
C PRO A 19 7.35 -0.48 -31.09
N LYS A 20 7.30 0.73 -31.62
CA LYS A 20 7.71 0.97 -33.01
C LYS A 20 9.12 0.47 -33.25
N VAL A 21 9.96 0.54 -32.23
CA VAL A 21 11.35 0.12 -32.36
C VAL A 21 11.47 -1.36 -32.74
N PHE A 22 10.37 -2.11 -32.59
CA PHE A 22 10.36 -3.50 -33.04
C PHE A 22 10.38 -3.58 -34.56
N PHE A 23 10.54 -2.44 -35.21
CA PHE A 23 10.49 -2.39 -36.68
C PHE A 23 11.60 -1.57 -37.28
N THR A 24 12.56 -1.15 -36.45
CA THR A 24 13.62 -0.28 -36.93
C THR A 24 15.02 -0.74 -36.52
N SER A 25 15.13 -1.36 -35.35
CA SER A 25 16.42 -1.85 -34.88
C SER A 25 16.67 -3.28 -35.33
N GLU A 26 17.77 -3.49 -36.04
CA GLU A 26 18.14 -4.82 -36.52
C GLU A 26 18.09 -5.84 -35.37
N ASN A 27 18.30 -5.34 -34.16
CA ASN A 27 18.24 -6.16 -32.96
C ASN A 27 16.93 -6.92 -32.85
N TYR A 28 15.82 -6.20 -33.03
CA TYR A 28 14.50 -6.79 -32.86
C TYR A 28 13.94 -7.30 -34.19
N LYS A 29 14.74 -7.18 -35.24
CA LYS A 29 14.36 -7.67 -36.55
C LYS A 29 13.98 -9.14 -36.49
N ASN A 30 14.88 -9.96 -35.97
CA ASN A 30 14.70 -11.40 -35.92
C ASN A 30 13.41 -11.82 -35.20
N LEU A 31 12.75 -10.86 -34.57
CA LEU A 31 11.52 -11.14 -33.84
C LEU A 31 10.32 -11.12 -34.78
N THR A 32 9.59 -12.22 -34.83
CA THR A 32 8.45 -12.35 -35.74
C THR A 32 7.23 -11.57 -35.23
N ASN A 33 6.16 -11.62 -36.01
CA ASN A 33 4.93 -10.94 -35.64
C ASN A 33 4.17 -11.65 -34.53
N ASP A 34 4.22 -12.97 -34.54
CA ASP A 34 3.56 -13.76 -33.49
C ASP A 34 4.15 -13.45 -32.11
N MET A 35 5.41 -13.04 -32.11
CA MET A 35 6.11 -12.68 -30.87
C MET A 35 5.84 -11.21 -30.53
N LYS A 36 5.86 -10.35 -31.55
CA LYS A 36 5.52 -8.95 -31.36
C LYS A 36 4.18 -8.81 -30.68
N ILE A 37 3.17 -9.50 -31.21
CA ILE A 37 1.84 -9.48 -30.62
C ILE A 37 1.88 -10.02 -29.19
N ALA A 38 2.64 -11.08 -28.99
CA ALA A 38 2.77 -11.68 -27.66
C ALA A 38 3.32 -10.69 -26.65
N TYR A 39 4.41 -10.02 -27.00
CA TYR A 39 5.03 -9.02 -26.15
C TYR A 39 4.05 -7.91 -25.79
N ALA A 40 3.06 -7.71 -26.65
CA ALA A 40 2.06 -6.68 -26.43
C ALA A 40 1.02 -7.16 -25.42
N ILE A 41 0.62 -8.42 -25.54
CA ILE A 41 -0.36 -9.00 -24.64
C ILE A 41 0.21 -9.07 -23.22
N LEU A 42 1.50 -9.36 -23.13
CA LEU A 42 2.19 -9.38 -21.85
C LEU A 42 2.30 -7.97 -21.30
N ARG A 43 2.64 -7.02 -22.17
CA ARG A 43 2.74 -5.63 -21.77
C ARG A 43 1.41 -5.15 -21.24
N ASP A 44 0.34 -5.81 -21.68
CA ASP A 44 -0.99 -5.47 -21.22
C ASP A 44 -1.23 -6.04 -19.82
N ARG A 45 -0.89 -7.31 -19.64
CA ARG A 45 -1.05 -7.97 -18.35
C ARG A 45 -0.24 -7.26 -17.27
N LEU A 46 0.76 -6.49 -17.69
CA LEU A 46 1.59 -5.73 -16.76
C LEU A 46 0.73 -5.03 -15.70
N ASN A 47 -0.44 -4.55 -16.10
CA ASN A 47 -1.37 -3.92 -15.17
C ASN A 47 -1.94 -4.95 -14.23
N LEU A 48 -2.44 -6.04 -14.82
CA LEU A 48 -3.12 -7.09 -14.08
C LEU A 48 -2.27 -7.62 -12.93
N SER A 49 -0.96 -7.66 -13.13
CA SER A 49 -0.06 -8.20 -12.12
C SER A 49 0.06 -7.28 -10.92
N ILE A 50 0.05 -5.97 -11.17
CA ILE A 50 0.01 -4.99 -10.09
C ILE A 50 -1.20 -5.25 -9.21
N LYS A 51 -2.29 -5.71 -9.83
CA LYS A 51 -3.50 -6.08 -9.10
C LYS A 51 -3.25 -7.29 -8.21
N ASN A 52 -2.32 -8.14 -8.62
CA ASN A 52 -1.93 -9.30 -7.83
C ASN A 52 -0.75 -9.00 -6.93
N SER A 53 -0.38 -7.73 -6.86
CA SER A 53 0.75 -7.29 -6.04
C SER A 53 2.05 -8.01 -6.38
N TRP A 54 2.22 -8.34 -7.66
CA TRP A 54 3.45 -8.99 -8.12
C TRP A 54 4.55 -7.96 -8.38
N VAL A 55 4.98 -7.28 -7.32
CA VAL A 55 6.02 -6.27 -7.43
C VAL A 55 7.10 -6.49 -6.37
N ASP A 56 8.30 -6.84 -6.80
CA ASP A 56 9.38 -7.15 -5.87
C ASP A 56 9.78 -5.94 -5.02
N GLU A 57 10.72 -6.17 -4.10
CA GLU A 57 11.18 -5.13 -3.18
C GLU A 57 11.68 -3.90 -3.90
N ASP A 58 12.46 -4.10 -4.96
CA ASP A 58 13.02 -2.99 -5.72
C ASP A 58 11.98 -2.32 -6.62
N GLY A 59 10.75 -2.84 -6.59
CA GLY A 59 9.67 -2.29 -7.37
C GLY A 59 9.72 -2.72 -8.82
N ASN A 60 9.43 -3.99 -9.08
CA ASN A 60 9.43 -4.53 -10.43
C ASN A 60 8.24 -5.45 -10.67
N ILE A 61 7.60 -5.30 -11.82
CA ILE A 61 6.40 -6.07 -12.12
C ILE A 61 6.74 -7.37 -12.83
N TYR A 62 6.37 -8.49 -12.22
CA TYR A 62 6.71 -9.80 -12.74
C TYR A 62 5.48 -10.68 -12.94
N PHE A 63 5.69 -11.84 -13.54
CA PHE A 63 4.61 -12.78 -13.82
C PHE A 63 4.87 -14.13 -13.14
N VAL A 64 3.99 -14.50 -12.23
CA VAL A 64 4.06 -15.80 -11.59
C VAL A 64 3.21 -16.78 -12.39
N TYR A 65 3.17 -16.60 -13.70
CA TYR A 65 2.32 -17.39 -14.56
C TYR A 65 2.92 -18.76 -14.91
N SER A 66 2.11 -19.80 -14.80
CA SER A 66 2.51 -21.13 -15.24
C SER A 66 2.35 -21.21 -16.75
N ASN A 67 3.28 -21.90 -17.41
CA ASN A 67 3.23 -22.03 -18.87
C ASN A 67 1.86 -22.42 -19.40
N GLU A 68 1.08 -23.11 -18.57
CA GLU A 68 -0.28 -23.47 -18.93
C GLU A 68 -1.09 -22.21 -19.23
N LYS A 69 -1.08 -21.27 -18.28
CA LYS A 69 -1.81 -20.01 -18.40
C LYS A 69 -1.36 -19.22 -19.63
N LEU A 70 -0.06 -19.22 -19.89
CA LEU A 70 0.49 -18.48 -21.04
C LEU A 70 -0.04 -19.00 -22.37
N MET A 71 -0.23 -20.31 -22.46
CA MET A 71 -0.78 -20.93 -23.66
C MET A 71 -2.27 -20.60 -23.79
N GLU A 72 -2.79 -19.88 -22.80
CA GLU A 72 -4.17 -19.41 -22.83
C GLU A 72 -4.20 -17.91 -23.01
N ILE A 73 -3.19 -17.23 -22.47
CA ILE A 73 -3.05 -15.79 -22.63
C ILE A 73 -2.62 -15.44 -24.04
N LEU A 74 -1.60 -16.15 -24.53
CA LEU A 74 -1.10 -15.93 -25.89
C LEU A 74 -1.74 -16.90 -26.86
N ASN A 75 -2.56 -17.80 -26.31
CA ASN A 75 -3.34 -18.75 -27.12
C ASN A 75 -2.51 -19.48 -28.17
N CYS A 76 -1.85 -20.55 -27.75
CA CYS A 76 -1.03 -21.35 -28.66
C CYS A 76 -0.64 -22.70 -28.04
N LYS A 77 0.40 -23.31 -28.58
CA LYS A 77 0.83 -24.63 -28.13
C LYS A 77 2.15 -24.60 -27.35
N LYS A 78 2.69 -25.77 -27.06
CA LYS A 78 3.86 -25.91 -26.19
C LYS A 78 5.14 -25.40 -26.84
N GLU A 79 5.47 -25.91 -28.02
CA GLU A 79 6.66 -25.47 -28.74
C GLU A 79 6.56 -24.00 -29.14
N LYS A 80 5.34 -23.57 -29.50
CA LYS A 80 5.10 -22.18 -29.88
C LYS A 80 5.53 -21.23 -28.76
N LEU A 81 4.85 -21.34 -27.62
CA LEU A 81 5.19 -20.56 -26.43
C LEU A 81 6.69 -20.48 -26.24
N THR A 82 7.36 -21.61 -26.40
CA THR A 82 8.80 -21.71 -26.19
C THR A 82 9.60 -20.84 -27.15
N LYS A 83 9.36 -21.05 -28.45
CA LYS A 83 10.02 -20.27 -29.49
C LYS A 83 9.91 -18.78 -29.21
N ILE A 84 8.75 -18.37 -28.71
CA ILE A 84 8.50 -16.97 -28.39
C ILE A 84 9.38 -16.49 -27.26
N LYS A 85 9.38 -17.24 -26.16
CA LYS A 85 10.17 -16.88 -24.98
C LYS A 85 11.67 -16.91 -25.26
N LYS A 86 12.10 -17.85 -26.09
CA LYS A 86 13.51 -17.95 -26.47
C LYS A 86 13.91 -16.77 -27.34
N GLY A 87 13.16 -16.55 -28.41
CA GLY A 87 13.41 -15.41 -29.29
C GLY A 87 13.34 -14.10 -28.54
N LEU A 88 12.40 -14.02 -27.60
CA LEU A 88 12.25 -12.84 -26.75
C LEU A 88 13.45 -12.71 -25.82
N GLU A 89 13.77 -13.81 -25.15
CA GLU A 89 14.82 -13.82 -24.15
C GLU A 89 16.19 -13.56 -24.77
N ASN A 90 16.28 -13.66 -26.09
CA ASN A 90 17.53 -13.47 -26.80
C ASN A 90 17.70 -12.06 -27.33
N ASP A 91 17.11 -11.09 -26.63
CA ASP A 91 17.18 -9.69 -27.04
C ASP A 91 17.13 -8.74 -25.84
N GLY A 92 16.76 -9.29 -24.69
CA GLY A 92 16.64 -8.49 -23.48
C GLY A 92 15.20 -8.08 -23.23
N LEU A 93 14.29 -8.64 -24.01
CA LEU A 93 12.87 -8.33 -23.89
C LEU A 93 12.24 -9.09 -22.72
N LEU A 94 12.80 -10.25 -22.41
CA LEU A 94 12.30 -11.07 -21.31
C LEU A 94 13.42 -11.77 -20.55
N ILE A 95 13.31 -11.77 -19.22
CA ILE A 95 14.22 -12.50 -18.37
C ILE A 95 13.40 -13.41 -17.45
N GLN A 96 13.89 -14.63 -17.21
CA GLN A 96 13.19 -15.56 -16.36
C GLN A 96 14.14 -16.41 -15.52
N LYS A 97 13.69 -16.79 -14.33
CA LYS A 97 14.48 -17.62 -13.43
C LYS A 97 13.65 -18.78 -12.89
N ARG A 98 14.16 -19.99 -13.04
CA ARG A 98 13.45 -21.18 -12.59
C ARG A 98 13.26 -21.19 -11.08
N ARG A 99 12.56 -22.20 -10.59
CA ARG A 99 12.31 -22.32 -9.16
C ARG A 99 12.11 -23.79 -8.74
N GLY A 100 12.06 -24.67 -9.73
CA GLY A 100 11.93 -26.09 -9.47
C GLY A 100 10.66 -26.46 -8.73
N LEU A 101 10.45 -27.77 -8.57
CA LEU A 101 9.28 -28.28 -7.86
C LEU A 101 7.97 -27.90 -8.55
N ASN A 102 7.10 -27.22 -7.79
CA ASN A 102 5.78 -26.85 -8.29
C ASN A 102 5.56 -25.34 -8.32
N LYS A 103 6.56 -24.58 -7.91
CA LYS A 103 6.50 -23.11 -7.96
C LYS A 103 6.61 -22.62 -9.40
N PRO A 104 5.51 -22.08 -9.94
CA PRO A 104 5.48 -21.59 -11.32
C PRO A 104 6.66 -20.65 -11.61
N ASN A 105 7.04 -20.59 -12.88
CA ASN A 105 8.22 -19.84 -13.29
C ASN A 105 8.03 -18.33 -13.14
N ILE A 106 9.06 -17.64 -12.65
CA ILE A 106 9.02 -16.19 -12.52
C ILE A 106 9.41 -15.54 -13.84
N LEU A 107 8.57 -14.63 -14.33
CA LEU A 107 8.85 -13.95 -15.59
C LEU A 107 8.93 -12.43 -15.41
N TYR A 108 9.93 -11.82 -16.04
CA TYR A 108 10.13 -10.38 -15.98
C TYR A 108 10.23 -9.75 -17.37
N LEU A 109 9.11 -9.23 -17.86
CA LEU A 109 9.11 -8.56 -19.15
C LEU A 109 9.91 -7.27 -19.01
N MET A 110 10.43 -6.77 -20.12
CA MET A 110 11.31 -5.60 -20.05
C MET A 110 11.05 -4.58 -21.15
N LYS A 111 11.55 -3.36 -20.95
CA LYS A 111 11.45 -2.31 -21.94
C LYS A 111 12.59 -2.48 -22.95
N PRO A 112 12.28 -2.27 -24.24
CA PRO A 112 13.29 -2.38 -25.29
C PRO A 112 14.29 -1.24 -25.20
N ILE A 113 15.39 -1.34 -25.95
CA ILE A 113 16.41 -0.30 -25.96
C ILE A 113 16.34 0.53 -27.23
N VAL A 114 16.38 1.85 -27.08
CA VAL A 114 16.36 2.74 -28.22
C VAL A 114 17.74 3.31 -28.51
N THR A 115 18.22 3.07 -29.73
CA THR A 115 19.49 3.62 -30.18
C THR A 115 19.23 4.84 -31.06
N GLU A 116 20.20 5.75 -31.12
CA GLU A 116 20.05 6.96 -31.94
C GLU A 116 19.77 6.62 -33.41
N ARG A 117 20.16 5.41 -33.83
CA ARG A 117 19.90 4.96 -35.19
C ARG A 117 18.41 4.68 -35.34
N ASP A 118 17.81 4.12 -34.30
CA ASP A 118 16.39 3.82 -34.28
C ASP A 118 15.53 5.07 -34.43
N ILE A 119 15.84 6.09 -33.63
CA ILE A 119 15.07 7.34 -33.65
C ILE A 119 15.04 7.96 -35.04
N TYR A 120 16.19 7.95 -35.72
CA TYR A 120 16.26 8.47 -37.08
C TYR A 120 15.32 7.72 -38.00
N LYS A 121 15.22 6.41 -37.79
CA LYS A 121 14.38 5.55 -38.62
C LYS A 121 12.89 5.84 -38.37
N ILE A 122 12.49 5.79 -37.11
CA ILE A 122 11.10 6.08 -36.74
C ILE A 122 10.72 7.51 -37.13
N GLU A 123 11.73 8.35 -37.33
CA GLU A 123 11.51 9.72 -37.78
C GLU A 123 10.77 9.72 -39.12
N LYS A 124 11.14 8.77 -39.98
CA LYS A 124 10.53 8.65 -41.30
C LYS A 124 9.16 7.99 -41.23
N GLU A 125 9.02 6.97 -40.39
CA GLU A 125 7.78 6.23 -40.28
C GLU A 125 6.64 7.12 -39.80
N GLU A 126 6.96 8.39 -39.53
CA GLU A 126 5.99 9.35 -39.03
C GLU A 126 6.01 10.64 -39.84
N ASN A 127 7.15 10.92 -40.48
CA ASN A 127 7.30 12.11 -41.29
C ASN A 127 7.45 11.79 -42.77
N ASP A 128 6.88 10.67 -43.19
CA ASP A 128 6.92 10.25 -44.58
C ASP A 128 5.76 10.88 -45.36
N VAL A 129 5.77 12.20 -45.45
CA VAL A 129 4.74 12.94 -46.18
C VAL A 129 4.81 12.64 -47.67
N GLU A 130 4.42 13.62 -48.49
CA GLU A 130 4.28 13.36 -49.92
C GLU A 130 5.60 13.22 -50.68
N PRO A 131 6.35 14.33 -50.86
CA PRO A 131 7.60 14.21 -51.62
C PRO A 131 8.50 13.09 -51.09
N TYR A 132 8.46 11.94 -51.74
CA TYR A 132 9.21 10.76 -51.31
C TYR A 132 10.68 11.08 -51.07
N GLN B 3 15.42 12.50 -12.75
CA GLN B 3 14.05 12.56 -13.25
C GLN B 3 13.92 13.43 -14.50
N TYR B 4 14.74 13.14 -15.50
CA TYR B 4 14.70 13.89 -16.75
C TYR B 4 13.76 13.26 -17.76
N PHE B 5 13.52 13.97 -18.86
CA PHE B 5 12.75 13.43 -19.96
C PHE B 5 13.68 12.97 -21.08
N THR B 6 14.25 11.77 -20.93
CA THR B 6 15.15 11.22 -21.93
C THR B 6 14.45 11.02 -23.27
N VAL B 7 15.08 11.48 -24.34
CA VAL B 7 14.53 11.33 -25.68
C VAL B 7 14.47 9.86 -26.07
N GLN B 8 15.27 9.05 -25.38
CA GLN B 8 15.22 7.60 -25.56
C GLN B 8 13.88 7.10 -25.05
N GLU B 9 13.46 7.63 -23.91
CA GLU B 9 12.19 7.27 -23.32
C GLU B 9 11.03 7.61 -24.24
N ASN B 10 11.11 8.79 -24.86
CA ASN B 10 10.05 9.26 -25.74
C ASN B 10 9.68 8.28 -26.84
N TYR B 11 10.63 7.95 -27.71
CA TYR B 11 10.37 7.06 -28.84
C TYR B 11 10.24 5.60 -28.41
N LYS B 12 10.54 5.33 -27.14
CA LYS B 12 10.31 4.03 -26.55
C LYS B 12 8.85 3.91 -26.13
N GLU B 13 8.15 5.05 -26.14
CA GLU B 13 6.73 5.09 -25.77
C GLU B 13 5.83 5.18 -27.00
N ARG B 14 6.37 4.84 -28.16
CA ARG B 14 5.61 4.92 -29.41
C ARG B 14 5.26 3.52 -29.90
N PHE B 15 3.96 3.25 -30.08
CA PHE B 15 3.51 1.91 -30.41
C PHE B 15 2.55 1.87 -31.60
N TYR B 16 2.34 0.66 -32.11
CA TYR B 16 1.38 0.44 -33.19
C TYR B 16 0.12 -0.19 -32.60
N GLN B 17 -0.71 0.66 -32.00
CA GLN B 17 -1.93 0.22 -31.32
C GLN B 17 -2.79 -0.75 -32.14
N ILE B 18 -3.12 -1.87 -31.52
CA ILE B 18 -4.00 -2.86 -32.14
C ILE B 18 -5.20 -3.10 -31.24
N PRO B 19 -6.38 -2.68 -31.69
CA PRO B 19 -7.62 -2.84 -30.92
C PRO B 19 -7.73 -4.24 -30.33
N LYS B 20 -8.13 -4.31 -29.07
CA LYS B 20 -8.20 -5.59 -28.35
C LYS B 20 -9.41 -6.42 -28.79
N VAL B 21 -10.45 -5.72 -29.23
CA VAL B 21 -11.65 -6.40 -29.72
C VAL B 21 -11.33 -7.28 -30.93
N PHE B 22 -10.14 -7.11 -31.48
CA PHE B 22 -9.67 -7.94 -32.59
C PHE B 22 -9.58 -9.41 -32.20
N PHE B 23 -9.31 -9.68 -30.94
CA PHE B 23 -9.10 -11.05 -30.49
C PHE B 23 -10.35 -11.61 -29.81
N THR B 24 -11.43 -10.83 -29.82
CA THR B 24 -12.65 -11.22 -29.16
C THR B 24 -13.78 -11.55 -30.13
N SER B 25 -14.21 -10.56 -30.90
CA SER B 25 -15.28 -10.74 -31.87
C SER B 25 -14.94 -11.82 -32.88
N GLU B 26 -15.88 -12.74 -33.10
CA GLU B 26 -15.70 -13.78 -34.11
C GLU B 26 -15.69 -13.15 -35.49
N ASN B 27 -16.34 -12.00 -35.60
CA ASN B 27 -16.37 -11.24 -36.85
C ASN B 27 -15.00 -10.66 -37.18
N TYR B 28 -14.05 -10.87 -36.29
CA TYR B 28 -12.68 -10.40 -36.51
C TYR B 28 -11.66 -11.52 -36.35
N LYS B 29 -12.13 -12.73 -36.10
CA LYS B 29 -11.24 -13.86 -35.87
C LYS B 29 -10.54 -14.25 -37.17
N ASN B 30 -11.15 -13.85 -38.28
CA ASN B 30 -10.61 -14.10 -39.60
C ASN B 30 -9.18 -13.56 -39.74
N LEU B 31 -8.99 -12.32 -39.32
CA LEU B 31 -7.72 -11.61 -39.49
C LEU B 31 -6.53 -12.43 -38.99
N THR B 32 -5.43 -12.32 -39.71
CA THR B 32 -4.21 -13.02 -39.34
C THR B 32 -3.31 -12.10 -38.53
N ASN B 33 -2.30 -12.66 -37.89
CA ASN B 33 -1.37 -11.86 -37.10
C ASN B 33 -0.55 -10.90 -37.96
N ASP B 34 -0.66 -11.05 -39.27
CA ASP B 34 0.01 -10.14 -40.20
C ASP B 34 -0.98 -9.13 -40.77
N MET B 35 -2.26 -9.42 -40.61
CA MET B 35 -3.31 -8.49 -40.99
C MET B 35 -3.59 -7.52 -39.86
N LYS B 36 -3.73 -8.05 -38.65
CA LYS B 36 -3.97 -7.24 -37.46
C LYS B 36 -2.89 -6.18 -37.32
N ILE B 37 -1.65 -6.58 -37.51
CA ILE B 37 -0.52 -5.67 -37.42
C ILE B 37 -0.50 -4.68 -38.58
N ALA B 38 -0.95 -5.14 -39.75
CA ALA B 38 -1.01 -4.27 -40.93
C ALA B 38 -2.00 -3.15 -40.67
N TYR B 39 -3.20 -3.53 -40.25
CA TYR B 39 -4.22 -2.57 -39.85
C TYR B 39 -3.62 -1.51 -38.94
N ALA B 40 -2.77 -1.94 -38.01
CA ALA B 40 -2.15 -1.02 -37.07
C ALA B 40 -1.28 0.00 -37.78
N ILE B 41 -0.27 -0.50 -38.51
CA ILE B 41 0.65 0.36 -39.23
C ILE B 41 -0.08 1.45 -40.03
N LEU B 42 -1.10 1.04 -40.79
CA LEU B 42 -1.89 2.00 -41.56
C LEU B 42 -2.73 2.89 -40.66
N ARG B 43 -3.37 2.27 -39.67
CA ARG B 43 -4.23 2.99 -38.74
C ARG B 43 -3.45 4.05 -37.97
N ASP B 44 -2.13 3.92 -37.98
CA ASP B 44 -1.26 4.91 -37.37
C ASP B 44 -0.88 5.97 -38.39
N ARG B 45 -0.78 5.55 -39.66
CA ARG B 45 -0.44 6.46 -40.75
C ARG B 45 -1.49 7.55 -40.97
N LEU B 46 -2.64 7.41 -40.29
CA LEU B 46 -3.70 8.41 -40.39
C LEU B 46 -3.18 9.83 -40.18
N ASN B 47 -2.18 9.96 -39.30
CA ASN B 47 -1.60 11.26 -39.00
C ASN B 47 -0.84 11.83 -40.19
N LEU B 48 -0.12 10.97 -40.90
CA LEU B 48 0.56 11.37 -42.13
C LEU B 48 -0.47 11.83 -43.15
N SER B 49 -1.58 11.11 -43.20
CA SER B 49 -2.63 11.39 -44.16
C SER B 49 -3.16 12.81 -43.99
N ILE B 50 -3.16 13.28 -42.75
CA ILE B 50 -3.60 14.64 -42.44
C ILE B 50 -2.55 15.69 -42.87
N LYS B 51 -1.29 15.42 -42.58
CA LYS B 51 -0.22 16.34 -42.97
C LYS B 51 -0.14 16.47 -44.50
N ASN B 52 -0.88 15.59 -45.18
CA ASN B 52 -0.94 15.59 -46.64
C ASN B 52 -2.25 16.18 -47.17
N SER B 53 -3.22 16.32 -46.28
CA SER B 53 -4.54 16.83 -46.66
C SER B 53 -5.35 15.77 -47.39
N TRP B 54 -5.15 14.51 -47.01
CA TRP B 54 -5.91 13.42 -47.60
C TRP B 54 -7.29 13.30 -46.96
N VAL B 55 -7.96 14.44 -46.84
CA VAL B 55 -9.31 14.48 -46.27
C VAL B 55 -10.27 15.02 -47.31
N ASP B 56 -11.49 14.48 -47.33
CA ASP B 56 -12.49 14.88 -48.32
C ASP B 56 -13.43 15.98 -47.80
N GLU B 57 -14.70 15.87 -48.19
CA GLU B 57 -15.70 16.87 -47.85
C GLU B 57 -16.36 16.56 -46.51
N ASP B 58 -16.81 15.32 -46.35
CA ASP B 58 -17.42 14.89 -45.09
C ASP B 58 -16.37 14.80 -43.99
N GLY B 59 -15.16 15.27 -44.31
CA GLY B 59 -14.08 15.31 -43.34
C GLY B 59 -13.43 13.95 -43.06
N ASN B 60 -13.72 12.97 -43.90
CA ASN B 60 -13.16 11.64 -43.71
C ASN B 60 -11.72 11.55 -44.22
N ILE B 61 -10.91 10.74 -43.53
CA ILE B 61 -9.49 10.63 -43.86
C ILE B 61 -9.19 9.34 -44.61
N TYR B 62 -8.57 9.48 -45.78
CA TYR B 62 -8.31 8.35 -46.66
C TYR B 62 -6.84 8.25 -47.04
N PHE B 63 -6.50 7.19 -47.76
CA PHE B 63 -5.14 6.98 -48.23
C PHE B 63 -5.10 6.94 -49.75
N VAL B 64 -4.01 7.45 -50.32
CA VAL B 64 -3.78 7.35 -51.75
C VAL B 64 -2.42 6.69 -52.00
N TYR B 65 -2.23 5.51 -51.42
CA TYR B 65 -0.96 4.80 -51.52
C TYR B 65 -1.01 3.71 -52.58
N SER B 66 -0.06 3.76 -53.51
CA SER B 66 0.07 2.73 -54.53
C SER B 66 0.56 1.44 -53.88
N ASN B 67 0.20 0.30 -54.47
CA ASN B 67 0.64 -0.99 -53.95
C ASN B 67 2.15 -1.05 -53.81
N GLU B 68 2.85 -0.16 -54.49
CA GLU B 68 4.29 -0.05 -54.36
C GLU B 68 4.64 0.41 -52.95
N LYS B 69 4.11 1.58 -52.57
CA LYS B 69 4.32 2.11 -51.23
C LYS B 69 3.81 1.14 -50.16
N LEU B 70 2.64 0.58 -50.41
CA LEU B 70 2.03 -0.37 -49.48
C LEU B 70 2.92 -1.60 -49.33
N MET B 71 3.68 -1.92 -50.37
CA MET B 71 4.63 -3.03 -50.34
C MET B 71 5.85 -2.70 -49.48
N GLU B 72 5.95 -1.44 -49.06
CA GLU B 72 7.03 -1.01 -48.18
C GLU B 72 6.51 -0.83 -46.77
N ILE B 73 5.48 -0.01 -46.64
CA ILE B 73 4.86 0.28 -45.35
C ILE B 73 4.53 -0.99 -44.56
N LEU B 74 4.00 -2.01 -45.23
CA LEU B 74 3.69 -3.27 -44.58
C LEU B 74 4.85 -4.25 -44.70
N ASN B 75 5.79 -3.93 -45.58
CA ASN B 75 6.99 -4.75 -45.78
C ASN B 75 6.66 -6.17 -46.26
N CYS B 76 6.17 -6.27 -47.49
CA CYS B 76 5.86 -7.56 -48.09
C CYS B 76 5.78 -7.44 -49.61
N LYS B 77 5.12 -8.39 -50.26
CA LYS B 77 5.01 -8.41 -51.71
C LYS B 77 3.54 -8.44 -52.13
N LYS B 78 3.28 -8.13 -53.40
CA LYS B 78 1.93 -8.08 -53.94
C LYS B 78 1.00 -9.15 -53.36
N GLU B 79 1.30 -10.41 -53.64
CA GLU B 79 0.43 -11.51 -53.23
C GLU B 79 0.04 -11.40 -51.75
N LYS B 80 1.02 -11.12 -50.90
CA LYS B 80 0.80 -10.91 -49.47
C LYS B 80 -0.05 -9.65 -49.26
N LEU B 81 0.41 -8.54 -49.81
CA LEU B 81 -0.30 -7.28 -49.74
C LEU B 81 -1.76 -7.43 -50.17
N THR B 82 -1.98 -8.25 -51.19
CA THR B 82 -3.32 -8.49 -51.69
C THR B 82 -4.17 -9.19 -50.64
N LYS B 83 -3.64 -10.31 -50.14
CA LYS B 83 -4.31 -11.11 -49.12
C LYS B 83 -4.68 -10.25 -47.92
N ILE B 84 -3.73 -9.41 -47.50
CA ILE B 84 -3.97 -8.46 -46.42
C ILE B 84 -5.16 -7.56 -46.72
N LYS B 85 -5.11 -6.91 -47.88
CA LYS B 85 -6.15 -5.96 -48.27
C LYS B 85 -7.52 -6.63 -48.36
N LYS B 86 -7.57 -7.80 -49.00
CA LYS B 86 -8.85 -8.50 -49.20
C LYS B 86 -9.42 -9.02 -47.88
N GLY B 87 -8.54 -9.33 -46.94
CA GLY B 87 -8.97 -9.78 -45.62
C GLY B 87 -9.58 -8.64 -44.83
N LEU B 88 -8.84 -7.54 -44.72
CA LEU B 88 -9.35 -6.32 -44.10
C LEU B 88 -10.69 -5.93 -44.71
N GLU B 89 -10.72 -5.88 -46.05
CA GLU B 89 -11.90 -5.47 -46.78
C GLU B 89 -13.05 -6.44 -46.60
N ASN B 90 -12.75 -7.73 -46.70
CA ASN B 90 -13.77 -8.77 -46.55
C ASN B 90 -14.50 -8.66 -45.21
N ASP B 91 -13.76 -8.36 -44.15
CA ASP B 91 -14.34 -8.20 -42.82
C ASP B 91 -14.78 -6.76 -42.56
N GLY B 92 -14.94 -5.98 -43.63
CA GLY B 92 -15.40 -4.61 -43.51
C GLY B 92 -14.55 -3.79 -42.57
N LEU B 93 -13.25 -3.74 -42.83
CA LEU B 93 -12.32 -3.00 -41.98
C LEU B 93 -11.59 -1.97 -42.83
N LEU B 94 -11.62 -2.18 -44.14
CA LEU B 94 -11.07 -1.22 -45.09
C LEU B 94 -11.84 -1.29 -46.40
N ILE B 95 -12.07 -0.14 -47.01
CA ILE B 95 -12.76 -0.09 -48.30
C ILE B 95 -12.09 0.88 -49.27
N GLN B 96 -11.67 0.35 -50.41
CA GLN B 96 -11.00 1.13 -51.44
C GLN B 96 -11.98 1.56 -52.52
N LYS B 97 -11.64 2.64 -53.21
CA LYS B 97 -12.42 3.08 -54.35
C LYS B 97 -11.60 2.89 -55.63
N ARG B 98 -12.08 2.02 -56.50
CA ARG B 98 -11.33 1.63 -57.70
C ARG B 98 -11.06 2.80 -58.64
N ARG B 99 -9.97 3.51 -58.38
CA ARG B 99 -9.50 4.58 -59.25
C ARG B 99 -8.95 3.94 -60.50
N GLY B 100 -9.71 4.04 -61.60
CA GLY B 100 -9.28 3.43 -62.84
C GLY B 100 -8.15 4.19 -63.50
N LEU B 101 -8.22 4.32 -64.82
CA LEU B 101 -7.24 5.08 -65.58
C LEU B 101 -5.82 4.64 -65.22
N ASN B 102 -5.01 5.59 -64.79
CA ASN B 102 -3.62 5.30 -64.43
C ASN B 102 -3.31 5.70 -63.00
N LYS B 103 -4.34 6.18 -62.31
CA LYS B 103 -4.19 6.64 -60.93
C LYS B 103 -4.13 5.44 -60.00
N PRO B 104 -3.43 5.59 -58.86
CA PRO B 104 -3.28 4.55 -57.84
C PRO B 104 -4.62 4.12 -57.24
N ASN B 105 -4.59 3.78 -55.95
CA ASN B 105 -5.79 3.34 -55.28
C ASN B 105 -6.09 4.15 -54.02
N ILE B 106 -7.30 4.66 -53.93
CA ILE B 106 -7.74 5.43 -52.76
C ILE B 106 -8.38 4.52 -51.72
N LEU B 107 -7.83 4.54 -50.51
CA LEU B 107 -8.21 3.62 -49.45
C LEU B 107 -8.82 4.33 -48.25
N TYR B 108 -9.87 3.74 -47.70
CA TYR B 108 -10.53 4.29 -46.52
C TYR B 108 -10.46 3.31 -45.34
N LEU B 109 -9.54 3.56 -44.41
CA LEU B 109 -9.43 2.71 -43.23
C LEU B 109 -10.68 2.90 -42.36
N MET B 110 -10.87 2.03 -41.38
CA MET B 110 -12.11 2.05 -40.60
C MET B 110 -11.90 1.86 -39.10
N LYS B 111 -12.93 2.16 -38.31
CA LYS B 111 -12.95 1.78 -36.90
C LYS B 111 -13.69 0.46 -36.78
N PRO B 112 -13.31 -0.34 -35.78
CA PRO B 112 -13.97 -1.62 -35.54
C PRO B 112 -15.35 -1.42 -34.93
N ILE B 113 -16.18 -2.46 -34.99
CA ILE B 113 -17.51 -2.43 -34.41
C ILE B 113 -17.57 -3.29 -33.16
N VAL B 114 -17.40 -2.68 -32.00
CA VAL B 114 -17.41 -3.41 -30.75
C VAL B 114 -18.84 -3.71 -30.32
N THR B 115 -19.13 -4.98 -30.07
CA THR B 115 -20.48 -5.40 -29.69
C THR B 115 -20.61 -5.65 -28.19
N GLU B 116 -21.73 -6.24 -27.78
CA GLU B 116 -22.01 -6.48 -26.37
C GLU B 116 -21.12 -7.59 -25.79
N ARG B 117 -21.08 -8.73 -26.50
CA ARG B 117 -20.24 -9.84 -26.07
C ARG B 117 -18.75 -9.51 -26.24
N ASP B 118 -18.48 -8.33 -26.76
CA ASP B 118 -17.10 -7.86 -26.90
C ASP B 118 -16.69 -7.02 -25.69
N ILE B 119 -17.51 -6.02 -25.37
CA ILE B 119 -17.25 -5.19 -24.20
C ILE B 119 -17.29 -6.06 -22.94
N TYR B 120 -17.76 -7.28 -23.09
CA TYR B 120 -17.83 -8.22 -21.98
C TYR B 120 -16.60 -9.12 -21.94
N LYS B 121 -16.29 -9.74 -23.07
CA LYS B 121 -15.15 -10.65 -23.19
C LYS B 121 -13.82 -9.94 -22.94
N ILE B 122 -13.72 -8.68 -23.36
CA ILE B 122 -12.51 -7.90 -23.17
C ILE B 122 -12.37 -7.48 -21.72
N GLU B 123 -13.51 -7.21 -21.09
CA GLU B 123 -13.54 -6.78 -19.70
C GLU B 123 -13.09 -7.87 -18.75
N LYS B 124 -13.47 -9.10 -19.05
CA LYS B 124 -13.16 -10.25 -18.18
C LYS B 124 -11.67 -10.40 -17.94
N GLU B 125 -10.86 -9.97 -18.91
CA GLU B 125 -9.41 -10.06 -18.81
C GLU B 125 -8.81 -8.90 -18.01
N GLU B 126 -9.24 -7.67 -18.31
CA GLU B 126 -8.75 -6.50 -17.59
C GLU B 126 -9.01 -6.59 -16.09
N ASN B 127 -10.04 -7.35 -15.71
CA ASN B 127 -10.36 -7.59 -14.31
C ASN B 127 -10.11 -9.04 -13.89
N ASP B 128 -8.91 -9.52 -14.19
CA ASP B 128 -8.52 -10.88 -13.84
C ASP B 128 -7.67 -10.88 -12.57
N VAL B 129 -8.10 -10.10 -11.58
CA VAL B 129 -7.40 -10.04 -10.29
C VAL B 129 -7.47 -11.38 -9.58
N GLU B 130 -6.32 -12.02 -9.39
CA GLU B 130 -6.24 -13.30 -8.68
C GLU B 130 -7.00 -13.25 -7.36
N PRO B 131 -7.63 -14.39 -6.98
CA PRO B 131 -8.49 -14.47 -5.80
C PRO B 131 -7.72 -14.39 -4.47
N TYR B 132 -8.24 -13.59 -3.55
CA TYR B 132 -7.66 -13.46 -2.22
C TYR B 132 -8.76 -13.41 -1.16
N GLN C 3 -18.50 6.00 -38.89
CA GLN C 3 -17.53 4.95 -38.61
C GLN C 3 -16.23 5.17 -39.37
N TYR C 4 -16.21 6.21 -40.21
CA TYR C 4 -14.99 6.63 -40.89
C TYR C 4 -14.03 7.24 -39.87
N PHE C 5 -12.82 7.54 -40.32
CA PHE C 5 -11.87 8.26 -39.48
C PHE C 5 -11.90 9.75 -39.78
N THR C 6 -12.65 10.48 -38.97
CA THR C 6 -12.83 11.92 -39.17
C THR C 6 -11.79 12.78 -38.46
N VAL C 7 -11.46 13.91 -39.08
CA VAL C 7 -10.47 14.84 -38.53
C VAL C 7 -10.99 15.51 -37.26
N GLN C 8 -12.31 15.60 -37.15
CA GLN C 8 -12.93 16.16 -35.95
C GLN C 8 -12.54 15.31 -34.75
N GLU C 9 -12.90 14.04 -34.80
CA GLU C 9 -12.55 13.10 -33.75
C GLU C 9 -11.05 13.12 -33.48
N ASN C 10 -10.27 13.21 -34.55
CA ASN C 10 -8.81 13.16 -34.45
C ASN C 10 -8.22 14.31 -33.65
N TYR C 11 -8.68 15.53 -33.92
CA TYR C 11 -8.20 16.71 -33.20
C TYR C 11 -9.04 16.99 -31.96
N LYS C 12 -10.07 16.17 -31.76
CA LYS C 12 -10.91 16.27 -30.57
C LYS C 12 -10.31 15.40 -29.47
N GLU C 13 -9.44 14.47 -29.85
CA GLU C 13 -8.85 13.53 -28.91
C GLU C 13 -7.40 13.86 -28.58
N ARG C 14 -6.98 15.08 -28.92
CA ARG C 14 -5.65 15.55 -28.56
C ARG C 14 -5.76 16.49 -27.37
N PHE C 15 -5.15 16.12 -26.24
CA PHE C 15 -5.26 16.94 -25.03
C PHE C 15 -3.92 17.23 -24.35
N TYR C 16 -4.00 17.89 -23.21
CA TYR C 16 -2.86 18.13 -22.34
C TYR C 16 -2.88 17.13 -21.18
N GLN C 17 -1.72 16.86 -20.60
CA GLN C 17 -1.62 15.84 -19.57
C GLN C 17 -1.15 16.39 -18.22
N ILE C 18 -2.03 16.33 -17.23
CA ILE C 18 -1.68 16.72 -15.86
C ILE C 18 -1.61 15.49 -14.97
N PRO C 19 -0.39 15.09 -14.57
CA PRO C 19 -0.14 13.85 -13.85
C PRO C 19 -0.91 13.76 -12.53
N LYS C 20 -1.63 12.66 -12.35
CA LYS C 20 -2.49 12.46 -11.18
C LYS C 20 -1.79 12.72 -9.86
N VAL C 21 -0.54 12.28 -9.75
CA VAL C 21 0.19 12.37 -8.49
C VAL C 21 0.20 13.81 -7.94
N PHE C 22 -0.03 14.78 -8.81
CA PHE C 22 -0.10 16.17 -8.38
C PHE C 22 -1.26 16.41 -7.42
N PHE C 23 -2.29 15.58 -7.53
CA PHE C 23 -3.51 15.75 -6.74
C PHE C 23 -3.52 14.85 -5.50
N THR C 24 -2.57 13.93 -5.42
CA THR C 24 -2.56 12.95 -4.32
C THR C 24 -1.39 13.17 -3.37
N SER C 25 -0.18 13.26 -3.92
CA SER C 25 1.03 13.42 -3.13
C SER C 25 1.02 14.75 -2.37
N GLU C 26 1.63 14.76 -1.20
CA GLU C 26 1.78 15.97 -0.41
C GLU C 26 2.93 16.81 -0.95
N ASN C 27 3.94 16.16 -1.48
CA ASN C 27 5.10 16.84 -2.03
C ASN C 27 4.70 17.87 -3.09
N TYR C 28 3.56 17.63 -3.72
CA TYR C 28 3.09 18.47 -4.82
C TYR C 28 1.77 19.18 -4.53
N LYS C 29 1.23 18.96 -3.34
CA LYS C 29 -0.03 19.60 -2.97
C LYS C 29 0.10 21.12 -3.06
N ASN C 30 1.29 21.64 -2.75
CA ASN C 30 1.55 23.06 -2.82
C ASN C 30 1.77 23.52 -4.26
N LEU C 31 0.70 23.47 -5.05
CA LEU C 31 0.73 23.89 -6.44
C LEU C 31 -0.64 24.42 -6.86
N THR C 32 -0.71 25.70 -7.19
CA THR C 32 -1.94 26.29 -7.70
C THR C 32 -2.29 25.67 -9.03
N ASN C 33 -3.59 25.55 -9.33
CA ASN C 33 -4.01 24.91 -10.57
C ASN C 33 -3.40 25.59 -11.79
N ASP C 34 -3.07 26.86 -11.65
CA ASP C 34 -2.43 27.61 -12.73
C ASP C 34 -1.03 27.07 -12.99
N MET C 35 -0.45 26.39 -12.01
CA MET C 35 0.86 25.78 -12.15
C MET C 35 0.76 24.39 -12.77
N LYS C 36 -0.24 23.63 -12.32
CA LYS C 36 -0.50 22.30 -12.86
C LYS C 36 -0.65 22.36 -14.38
N ILE C 37 -1.62 23.13 -14.84
CA ILE C 37 -1.89 23.28 -16.26
C ILE C 37 -0.68 23.79 -17.02
N ALA C 38 0.01 24.78 -16.44
CA ALA C 38 1.22 25.31 -17.05
C ALA C 38 2.22 24.18 -17.28
N TYR C 39 2.37 23.33 -16.27
CA TYR C 39 3.23 22.14 -16.37
C TYR C 39 2.79 21.24 -17.52
N ALA C 40 1.48 21.06 -17.66
CA ALA C 40 0.95 20.19 -18.71
C ALA C 40 1.33 20.69 -20.09
N ILE C 41 1.22 21.99 -20.29
CA ILE C 41 1.56 22.61 -21.57
C ILE C 41 3.03 22.42 -21.91
N LEU C 42 3.90 22.64 -20.92
CA LEU C 42 5.33 22.44 -21.11
C LEU C 42 5.60 20.99 -21.52
N ARG C 43 4.92 20.07 -20.85
CA ARG C 43 5.06 18.65 -21.18
C ARG C 43 4.72 18.41 -22.64
N ASP C 44 3.66 19.05 -23.10
CA ASP C 44 3.20 18.91 -24.48
C ASP C 44 4.11 19.67 -25.44
N ARG C 45 5.05 20.43 -24.88
CA ARG C 45 6.01 21.19 -25.66
C ARG C 45 7.22 20.34 -26.03
N LEU C 46 7.37 19.22 -25.34
CA LEU C 46 8.50 18.33 -25.56
C LEU C 46 8.58 17.81 -27.00
N ASN C 47 7.44 17.39 -27.55
CA ASN C 47 7.40 16.92 -28.93
C ASN C 47 8.04 17.92 -29.89
N LEU C 48 7.99 19.20 -29.52
CA LEU C 48 8.58 20.25 -30.32
C LEU C 48 10.05 20.43 -29.99
N SER C 49 10.39 20.26 -28.72
CA SER C 49 11.78 20.37 -28.28
C SER C 49 12.66 19.45 -29.12
N ILE C 50 12.23 18.21 -29.30
CA ILE C 50 12.94 17.26 -30.13
C ILE C 50 13.07 17.81 -31.55
N LYS C 51 11.98 18.35 -32.06
CA LYS C 51 11.96 18.95 -33.39
C LYS C 51 12.98 20.08 -33.49
N ASN C 52 12.99 20.96 -32.49
CA ASN C 52 13.95 22.06 -32.45
C ASN C 52 15.37 21.58 -32.23
N SER C 53 15.53 20.28 -31.98
CA SER C 53 16.82 19.68 -31.69
C SER C 53 17.34 20.19 -30.34
N TRP C 54 16.43 20.35 -29.39
CA TRP C 54 16.78 20.82 -28.05
C TRP C 54 17.04 19.64 -27.13
N VAL C 55 17.73 18.63 -27.65
CA VAL C 55 18.04 17.44 -26.88
C VAL C 55 19.49 17.43 -26.38
N ASP C 56 19.65 17.05 -25.12
CA ASP C 56 20.94 17.06 -24.45
C ASP C 56 21.73 15.77 -24.70
N GLU C 57 23.05 15.85 -24.59
CA GLU C 57 23.92 14.70 -24.89
C GLU C 57 23.59 13.43 -24.09
N ASP C 58 23.10 13.62 -22.87
CA ASP C 58 22.73 12.47 -22.02
C ASP C 58 21.36 11.95 -22.45
N GLY C 59 20.72 12.68 -23.35
CA GLY C 59 19.43 12.28 -23.89
C GLY C 59 18.29 13.10 -23.35
N ASN C 60 18.60 14.06 -22.48
CA ASN C 60 17.58 14.85 -21.82
C ASN C 60 17.03 15.97 -22.69
N ILE C 61 15.74 16.24 -22.54
CA ILE C 61 15.06 17.27 -23.32
C ILE C 61 14.97 18.58 -22.55
N TYR C 62 15.52 19.65 -23.11
CA TYR C 62 15.51 20.95 -22.44
C TYR C 62 14.67 21.98 -23.18
N PHE C 63 14.64 23.20 -22.65
CA PHE C 63 13.85 24.28 -23.22
C PHE C 63 14.70 25.54 -23.37
N VAL C 64 14.70 26.10 -24.58
CA VAL C 64 15.39 27.36 -24.83
C VAL C 64 14.39 28.45 -25.19
N TYR C 65 13.65 28.90 -24.19
CA TYR C 65 12.68 29.96 -24.37
C TYR C 65 13.05 31.17 -23.53
N SER C 66 12.57 32.33 -23.95
CA SER C 66 12.75 33.56 -23.19
C SER C 66 11.45 33.88 -22.48
N ASN C 67 11.55 34.59 -21.36
CA ASN C 67 10.36 35.04 -20.65
C ASN C 67 9.36 35.67 -21.61
N GLU C 68 9.88 36.29 -22.66
CA GLU C 68 9.05 36.90 -23.68
C GLU C 68 8.22 35.84 -24.38
N LYS C 69 8.88 34.77 -24.81
CA LYS C 69 8.22 33.70 -25.53
C LYS C 69 7.34 32.86 -24.61
N LEU C 70 7.89 32.46 -23.47
CA LEU C 70 7.15 31.69 -22.48
C LEU C 70 5.81 32.34 -22.17
N MET C 71 5.81 33.66 -21.98
CA MET C 71 4.59 34.40 -21.68
C MET C 71 3.52 34.14 -22.74
N GLU C 72 3.96 34.01 -23.99
CA GLU C 72 3.03 33.74 -25.09
C GLU C 72 2.46 32.34 -25.01
N ILE C 73 3.32 31.36 -24.70
CA ILE C 73 2.91 29.96 -24.63
C ILE C 73 1.84 29.76 -23.55
N LEU C 74 2.21 30.02 -22.31
CA LEU C 74 1.31 29.81 -21.18
C LEU C 74 0.16 30.82 -21.16
N ASN C 75 0.30 31.89 -21.95
CA ASN C 75 -0.72 32.93 -22.02
C ASN C 75 -0.91 33.63 -20.67
N CYS C 76 0.20 34.05 -20.07
CA CYS C 76 0.19 34.73 -18.77
C CYS C 76 1.09 35.97 -18.77
N LYS C 77 0.95 36.80 -17.74
CA LYS C 77 1.75 38.02 -17.64
C LYS C 77 3.09 37.82 -16.94
N LYS C 78 3.94 38.83 -17.02
CA LYS C 78 5.29 38.78 -16.44
C LYS C 78 5.27 38.22 -15.02
N GLU C 79 4.37 38.75 -14.20
CA GLU C 79 4.29 38.35 -12.81
C GLU C 79 3.81 36.91 -12.66
N LYS C 80 2.66 36.59 -13.25
CA LYS C 80 2.10 35.26 -13.14
C LYS C 80 3.12 34.21 -13.53
N LEU C 81 4.04 34.58 -14.42
CA LEU C 81 5.08 33.66 -14.89
C LEU C 81 6.07 33.30 -13.80
N THR C 82 6.76 34.29 -13.26
CA THR C 82 7.75 34.08 -12.20
C THR C 82 7.17 33.25 -11.07
N LYS C 83 5.92 33.51 -10.71
CA LYS C 83 5.24 32.81 -9.63
C LYS C 83 4.97 31.35 -10.00
N ILE C 84 4.51 31.14 -11.22
CA ILE C 84 4.26 29.79 -11.72
C ILE C 84 5.57 29.04 -11.94
N LYS C 85 6.62 29.79 -12.26
CA LYS C 85 7.94 29.20 -12.48
C LYS C 85 8.67 28.96 -11.16
N LYS C 86 8.26 29.67 -10.11
CA LYS C 86 8.83 29.48 -8.78
C LYS C 86 8.17 28.32 -8.04
N GLY C 87 6.88 28.14 -8.27
CA GLY C 87 6.14 27.05 -7.66
C GLY C 87 6.56 25.70 -8.22
N LEU C 88 6.78 25.65 -9.53
CA LEU C 88 7.21 24.42 -10.18
C LEU C 88 8.65 24.09 -9.83
N GLU C 89 9.45 25.13 -9.60
CA GLU C 89 10.86 24.96 -9.29
C GLU C 89 11.09 24.40 -7.89
N ASN C 90 10.30 24.87 -6.93
CA ASN C 90 10.41 24.41 -5.54
C ASN C 90 9.93 22.96 -5.34
N ASP C 91 9.12 22.46 -6.28
CA ASP C 91 8.61 21.09 -6.18
C ASP C 91 9.41 20.11 -7.04
N GLY C 92 10.57 20.57 -7.52
CA GLY C 92 11.44 19.72 -8.31
C GLY C 92 10.80 19.21 -9.58
N LEU C 93 10.16 20.12 -10.32
CA LEU C 93 9.52 19.78 -11.58
C LEU C 93 10.04 20.66 -12.70
N LEU C 94 11.07 21.44 -12.37
CA LEU C 94 11.66 22.38 -13.32
C LEU C 94 12.91 23.01 -12.74
N ILE C 95 13.93 23.17 -13.58
CA ILE C 95 15.18 23.78 -13.17
C ILE C 95 15.71 24.71 -14.26
N GLN C 96 16.69 25.54 -13.92
CA GLN C 96 17.24 26.49 -14.87
C GLN C 96 18.75 26.65 -14.77
N LYS C 97 19.33 27.33 -15.75
CA LYS C 97 20.75 27.65 -15.75
C LYS C 97 20.95 29.11 -16.18
N ARG C 98 20.41 30.04 -15.39
CA ARG C 98 20.44 31.45 -15.73
C ARG C 98 21.73 31.88 -16.43
N PRO C 104 18.18 32.25 -24.73
CA PRO C 104 19.06 32.65 -23.62
C PRO C 104 18.78 31.83 -22.36
N ASN C 105 17.68 32.14 -21.68
CA ASN C 105 17.30 31.42 -20.47
C ASN C 105 16.98 29.96 -20.76
N ILE C 106 17.69 29.06 -20.10
CA ILE C 106 17.55 27.63 -20.35
C ILE C 106 16.82 26.93 -19.20
N LEU C 107 15.90 26.03 -19.53
CA LEU C 107 15.10 25.34 -18.53
C LEU C 107 15.02 23.85 -18.80
N TYR C 108 14.96 23.06 -17.73
CA TYR C 108 14.79 21.62 -17.84
C TYR C 108 13.52 21.17 -17.14
N LEU C 109 12.69 20.40 -17.83
CA LEU C 109 11.47 19.87 -17.24
C LEU C 109 11.78 18.52 -16.59
N MET C 110 11.12 18.25 -15.47
CA MET C 110 11.37 17.02 -14.70
C MET C 110 10.10 16.22 -14.52
N LYS C 111 10.23 14.89 -14.51
CA LYS C 111 9.09 14.02 -14.23
C LYS C 111 8.76 14.08 -12.75
N PRO C 112 7.49 13.82 -12.39
CA PRO C 112 7.05 13.84 -11.00
C PRO C 112 7.61 12.68 -10.21
N ILE C 113 7.79 12.87 -8.90
CA ILE C 113 8.27 11.82 -8.02
C ILE C 113 7.10 11.10 -7.37
N VAL C 114 7.08 9.77 -7.48
CA VAL C 114 6.03 8.97 -6.86
C VAL C 114 6.54 8.29 -5.61
N THR C 115 5.70 8.27 -4.57
CA THR C 115 6.06 7.64 -3.30
C THR C 115 5.27 6.34 -3.13
N GLU C 116 5.69 5.52 -2.17
CA GLU C 116 5.05 4.23 -1.93
C GLU C 116 3.58 4.37 -1.53
N ARG C 117 3.21 5.53 -0.98
CA ARG C 117 1.83 5.77 -0.59
C ARG C 117 1.04 6.39 -1.74
N ASP C 118 1.75 7.11 -2.61
CA ASP C 118 1.13 7.71 -3.79
C ASP C 118 0.45 6.64 -4.63
N ILE C 119 1.20 5.61 -4.98
CA ILE C 119 0.65 4.45 -5.67
C ILE C 119 -0.63 4.03 -4.96
N TYR C 120 -0.53 3.85 -3.65
CA TYR C 120 -1.65 3.38 -2.84
C TYR C 120 -2.88 4.28 -2.99
N LYS C 121 -2.67 5.59 -2.95
CA LYS C 121 -3.78 6.53 -3.06
C LYS C 121 -4.39 6.49 -4.46
N ILE C 122 -3.56 6.72 -5.47
CA ILE C 122 -3.99 6.63 -6.86
C ILE C 122 -4.66 5.30 -7.15
N GLU C 123 -4.01 4.21 -6.76
CA GLU C 123 -4.55 2.87 -6.96
C GLU C 123 -5.93 2.74 -6.31
N LYS C 124 -6.11 3.35 -5.14
CA LYS C 124 -7.36 3.25 -4.41
C LYS C 124 -8.40 4.29 -4.86
N GLU C 125 -8.07 5.04 -5.90
CA GLU C 125 -8.98 6.07 -6.41
C GLU C 125 -9.49 5.73 -7.81
N GLU C 126 -8.64 5.12 -8.61
CA GLU C 126 -9.03 4.69 -9.96
C GLU C 126 -9.66 3.31 -9.93
N ASN C 127 -9.47 2.59 -8.82
CA ASN C 127 -10.17 1.35 -8.59
C ASN C 127 -11.33 1.58 -7.62
N ASP C 128 -11.55 2.85 -7.32
CA ASP C 128 -12.60 3.28 -6.39
C ASP C 128 -13.99 3.09 -6.98
N VAL C 129 -14.56 1.91 -6.77
CA VAL C 129 -15.94 1.64 -7.15
C VAL C 129 -16.84 1.71 -5.92
N GLU C 130 -18.13 1.44 -6.09
CA GLU C 130 -19.05 1.48 -4.98
C GLU C 130 -19.98 0.26 -5.01
N PRO C 131 -20.11 -0.42 -3.87
CA PRO C 131 -20.91 -1.64 -3.74
C PRO C 131 -22.40 -1.40 -3.99
N TYR C 132 -23.12 -2.45 -4.35
CA TYR C 132 -24.55 -2.36 -4.61
C TYR C 132 -25.36 -2.69 -3.36
N GLN D 3 16.63 -2.55 -18.03
CA GLN D 3 15.84 -2.10 -16.91
C GLN D 3 14.43 -2.69 -16.95
N TYR D 4 13.90 -3.04 -15.77
CA TYR D 4 12.59 -3.69 -15.69
C TYR D 4 11.46 -2.68 -15.84
N PHE D 5 10.23 -3.19 -15.78
CA PHE D 5 9.07 -2.33 -15.63
C PHE D 5 8.86 -2.08 -14.15
N THR D 6 8.95 -0.81 -13.76
CA THR D 6 8.79 -0.45 -12.34
C THR D 6 7.39 0.06 -12.05
N VAL D 7 6.76 -0.49 -11.02
CA VAL D 7 5.43 -0.05 -10.62
C VAL D 7 5.43 1.46 -10.35
N GLN D 8 6.60 2.00 -10.07
CA GLN D 8 6.72 3.44 -9.88
C GLN D 8 6.45 4.20 -11.17
N GLU D 9 7.15 3.82 -12.23
CA GLU D 9 7.04 4.51 -13.52
C GLU D 9 5.61 4.44 -14.06
N ASN D 10 4.97 3.29 -13.91
CA ASN D 10 3.60 3.09 -14.36
C ASN D 10 2.65 4.18 -13.83
N TYR D 11 2.56 4.30 -12.51
CA TYR D 11 1.68 5.28 -11.90
C TYR D 11 2.21 6.71 -12.04
N LYS D 12 3.49 6.83 -12.34
CA LYS D 12 4.09 8.14 -12.60
C LYS D 12 3.55 8.66 -13.92
N GLU D 13 3.06 7.74 -14.75
CA GLU D 13 2.57 8.06 -16.09
C GLU D 13 1.06 7.94 -16.19
N ARG D 14 0.37 8.15 -15.08
CA ARG D 14 -1.09 8.20 -15.08
C ARG D 14 -1.56 9.61 -14.80
N PHE D 15 -2.12 10.28 -15.81
CA PHE D 15 -2.52 11.67 -15.67
C PHE D 15 -3.98 11.95 -16.03
N TYR D 16 -4.35 13.23 -15.94
CA TYR D 16 -5.67 13.71 -16.33
C TYR D 16 -5.57 14.44 -17.66
N GLN D 17 -6.57 14.24 -18.52
CA GLN D 17 -6.50 14.79 -19.87
C GLN D 17 -7.43 15.99 -20.10
N ILE D 18 -6.85 17.09 -20.57
CA ILE D 18 -7.60 18.31 -20.90
C ILE D 18 -7.50 18.63 -22.39
N PRO D 19 -8.59 18.36 -23.14
CA PRO D 19 -8.59 18.54 -24.60
C PRO D 19 -7.96 19.87 -25.04
N LYS D 20 -7.05 19.82 -26.01
CA LYS D 20 -6.33 21.01 -26.44
C LYS D 20 -7.26 22.06 -27.04
N VAL D 21 -8.46 21.63 -27.40
CA VAL D 21 -9.46 22.53 -27.97
C VAL D 21 -9.90 23.60 -26.97
N PHE D 22 -9.73 23.31 -25.68
CA PHE D 22 -10.12 24.25 -24.63
C PHE D 22 -9.32 25.54 -24.67
N PHE D 23 -8.17 25.52 -25.33
CA PHE D 23 -7.29 26.69 -25.35
C PHE D 23 -7.24 27.37 -26.72
N THR D 24 -8.07 26.92 -27.65
CA THR D 24 -8.06 27.45 -29.01
C THR D 24 -9.41 28.00 -29.45
N SER D 25 -10.47 27.27 -29.13
CA SER D 25 -11.82 27.66 -29.51
C SER D 25 -12.28 28.87 -28.71
N GLU D 26 -12.59 29.96 -29.41
CA GLU D 26 -13.09 31.18 -28.79
C GLU D 26 -14.29 30.87 -27.89
N ASN D 27 -15.00 29.80 -28.19
CA ASN D 27 -16.11 29.33 -27.35
C ASN D 27 -15.63 28.99 -25.95
N TYR D 28 -14.61 28.15 -25.87
CA TYR D 28 -14.09 27.68 -24.60
C TYR D 28 -13.07 28.65 -24.00
N LYS D 29 -13.25 29.94 -24.26
CA LYS D 29 -12.38 30.96 -23.70
C LYS D 29 -13.01 31.51 -22.42
N ASN D 30 -14.29 31.23 -22.21
CA ASN D 30 -14.96 31.60 -20.98
C ASN D 30 -14.63 30.66 -19.84
N LEU D 31 -14.16 29.46 -20.18
CA LEU D 31 -13.83 28.45 -19.19
C LEU D 31 -12.65 28.87 -18.32
N THR D 32 -12.79 28.66 -17.02
CA THR D 32 -11.72 28.97 -16.08
C THR D 32 -10.82 27.76 -15.92
N ASN D 33 -9.60 27.99 -15.47
CA ASN D 33 -8.65 26.90 -15.26
C ASN D 33 -9.24 25.79 -14.39
N ASP D 34 -9.94 26.18 -13.33
CA ASP D 34 -10.60 25.22 -12.45
C ASP D 34 -11.65 24.42 -13.22
N MET D 35 -12.33 25.08 -14.15
CA MET D 35 -13.35 24.42 -14.96
C MET D 35 -12.72 23.41 -15.91
N LYS D 36 -11.63 23.81 -16.56
CA LYS D 36 -10.92 22.92 -17.47
C LYS D 36 -10.50 21.66 -16.72
N ILE D 37 -9.74 21.85 -15.66
CA ILE D 37 -9.25 20.73 -14.84
C ILE D 37 -10.41 19.87 -14.37
N ALA D 38 -11.51 20.52 -14.00
CA ALA D 38 -12.71 19.81 -13.58
C ALA D 38 -13.13 18.80 -14.64
N TYR D 39 -13.28 19.27 -15.88
CA TYR D 39 -13.62 18.40 -16.99
C TYR D 39 -12.61 17.27 -17.13
N ALA D 40 -11.34 17.60 -16.92
CA ALA D 40 -10.26 16.63 -17.06
C ALA D 40 -10.44 15.44 -16.12
N ILE D 41 -10.66 15.73 -14.84
CA ILE D 41 -10.85 14.69 -13.83
C ILE D 41 -12.15 13.91 -14.08
N LEU D 42 -13.26 14.62 -14.26
CA LEU D 42 -14.54 13.97 -14.53
C LEU D 42 -14.39 13.00 -15.70
N ARG D 43 -13.57 13.36 -16.66
CA ARG D 43 -13.31 12.52 -17.81
C ARG D 43 -12.75 11.17 -17.38
N ASP D 44 -11.75 11.18 -16.51
CA ASP D 44 -11.13 9.95 -16.04
C ASP D 44 -12.11 9.08 -15.24
N ARG D 45 -13.08 9.73 -14.60
CA ARG D 45 -14.10 9.02 -13.83
C ARG D 45 -15.05 8.27 -14.76
N LEU D 46 -14.81 8.39 -16.07
CA LEU D 46 -15.59 7.69 -17.07
C LEU D 46 -15.26 6.20 -17.09
N ASN D 47 -14.00 5.87 -17.30
CA ASN D 47 -13.57 4.47 -17.33
C ASN D 47 -13.89 3.79 -16.01
N LEU D 48 -14.20 4.60 -15.01
CA LEU D 48 -14.55 4.10 -13.69
C LEU D 48 -16.07 4.01 -13.56
N SER D 49 -16.77 4.81 -14.33
CA SER D 49 -18.23 4.80 -14.31
C SER D 49 -18.77 3.62 -15.11
N ILE D 50 -17.88 2.98 -15.87
CA ILE D 50 -18.20 1.74 -16.57
C ILE D 50 -18.37 0.60 -15.56
N LYS D 51 -17.49 0.56 -14.57
CA LYS D 51 -17.53 -0.45 -13.52
C LYS D 51 -18.82 -0.37 -12.69
N ASN D 52 -19.23 0.85 -12.36
CA ASN D 52 -20.47 1.05 -11.62
C ASN D 52 -21.69 0.71 -12.45
N SER D 53 -21.43 0.30 -13.70
CA SER D 53 -22.49 -0.07 -14.64
C SER D 53 -23.46 1.08 -14.90
N TRP D 54 -22.98 2.31 -14.71
CA TRP D 54 -23.78 3.49 -14.98
C TRP D 54 -23.81 3.76 -16.48
N VAL D 55 -23.94 2.69 -17.25
CA VAL D 55 -24.00 2.76 -18.70
C VAL D 55 -25.43 2.93 -19.17
N ASP D 56 -25.65 3.88 -20.07
CA ASP D 56 -26.97 4.10 -20.64
C ASP D 56 -27.29 2.99 -21.64
N GLU D 57 -28.59 2.79 -21.90
CA GLU D 57 -29.02 1.75 -22.81
C GLU D 57 -28.70 2.10 -24.26
N ASP D 58 -28.08 3.26 -24.46
CA ASP D 58 -27.65 3.68 -25.79
C ASP D 58 -26.13 3.69 -25.92
N GLY D 59 -25.45 3.38 -24.82
CA GLY D 59 -24.01 3.39 -24.79
C GLY D 59 -23.49 4.60 -24.03
N ASN D 60 -24.34 5.62 -23.90
CA ASN D 60 -23.98 6.82 -23.16
C ASN D 60 -23.48 6.49 -21.76
N ILE D 61 -22.56 7.31 -21.26
CA ILE D 61 -22.01 7.09 -19.92
C ILE D 61 -22.29 8.29 -19.00
N TYR D 62 -23.00 8.03 -17.91
CA TYR D 62 -23.41 9.09 -17.00
C TYR D 62 -22.84 8.88 -15.61
N PHE D 63 -22.94 9.90 -14.77
CA PHE D 63 -22.48 9.82 -13.38
C PHE D 63 -23.66 9.89 -12.43
N VAL D 64 -23.55 9.20 -11.30
CA VAL D 64 -24.56 9.28 -10.24
C VAL D 64 -23.87 9.75 -8.96
N TYR D 65 -23.11 10.84 -9.09
CA TYR D 65 -22.33 11.35 -7.97
C TYR D 65 -23.05 12.47 -7.23
N SER D 66 -23.30 12.22 -5.95
CA SER D 66 -23.94 13.21 -5.08
C SER D 66 -23.06 14.43 -4.88
N ASN D 67 -23.67 15.54 -4.49
CA ASN D 67 -22.96 16.80 -4.30
C ASN D 67 -21.81 16.66 -3.30
N GLU D 68 -21.82 15.58 -2.54
CA GLU D 68 -20.77 15.30 -1.58
C GLU D 68 -19.59 14.58 -2.24
N LYS D 69 -19.87 13.45 -2.89
CA LYS D 69 -18.85 12.70 -3.61
C LYS D 69 -18.18 13.58 -4.66
N LEU D 70 -18.90 14.60 -5.11
CA LEU D 70 -18.35 15.55 -6.08
C LEU D 70 -17.36 16.49 -5.42
N MET D 71 -17.82 17.23 -4.41
CA MET D 71 -16.96 18.12 -3.64
C MET D 71 -15.75 17.36 -3.12
N GLU D 72 -15.93 16.05 -2.96
CA GLU D 72 -14.87 15.15 -2.53
C GLU D 72 -13.88 14.96 -3.68
N ILE D 73 -14.41 14.56 -4.84
CA ILE D 73 -13.58 14.32 -6.02
C ILE D 73 -12.88 15.59 -6.50
N LEU D 74 -13.64 16.65 -6.71
CA LEU D 74 -13.10 17.91 -7.20
C LEU D 74 -12.38 18.70 -6.11
N ASN D 75 -12.43 18.19 -4.89
CA ASN D 75 -11.73 18.80 -3.77
C ASN D 75 -12.04 20.28 -3.64
N CYS D 76 -13.27 20.58 -3.24
CA CYS D 76 -13.70 21.96 -3.11
C CYS D 76 -15.00 22.08 -2.32
N LYS D 77 -15.50 23.32 -2.22
CA LYS D 77 -16.71 23.62 -1.47
C LYS D 77 -17.93 23.44 -2.37
N LYS D 78 -19.12 23.70 -1.81
CA LYS D 78 -20.37 23.59 -2.57
C LYS D 78 -20.59 24.87 -3.38
N GLU D 79 -19.92 25.94 -2.98
CA GLU D 79 -20.03 27.21 -3.67
C GLU D 79 -19.22 27.22 -4.96
N LYS D 80 -18.08 26.51 -4.95
CA LYS D 80 -17.19 26.44 -6.11
C LYS D 80 -17.69 25.42 -7.12
N LEU D 81 -18.24 24.31 -6.62
CA LEU D 81 -18.72 23.23 -7.46
C LEU D 81 -19.71 23.73 -8.51
N THR D 82 -20.84 24.27 -8.06
CA THR D 82 -21.88 24.73 -8.98
C THR D 82 -21.37 25.82 -9.93
N LYS D 83 -20.41 26.62 -9.48
CA LYS D 83 -19.79 27.62 -10.33
C LYS D 83 -19.15 26.95 -11.53
N ILE D 84 -18.61 25.76 -11.31
CA ILE D 84 -18.01 24.97 -12.36
C ILE D 84 -19.07 24.32 -13.24
N LYS D 85 -20.01 23.61 -12.62
CA LYS D 85 -21.05 22.91 -13.36
C LYS D 85 -21.78 23.83 -14.33
N LYS D 86 -22.06 25.06 -13.89
CA LYS D 86 -22.78 26.01 -14.72
C LYS D 86 -21.85 26.70 -15.73
N GLY D 87 -20.55 26.40 -15.62
CA GLY D 87 -19.58 26.89 -16.59
C GLY D 87 -19.41 25.86 -17.69
N LEU D 88 -19.28 24.60 -17.30
CA LEU D 88 -19.22 23.50 -18.25
C LEU D 88 -20.62 23.15 -18.75
N GLU D 89 -21.61 23.92 -18.31
CA GLU D 89 -22.99 23.74 -18.76
C GLU D 89 -23.31 24.70 -19.90
N ASN D 90 -22.78 25.91 -19.80
CA ASN D 90 -23.02 26.94 -20.81
C ASN D 90 -22.15 26.80 -22.06
N ASP D 91 -21.42 25.69 -22.15
CA ASP D 91 -20.62 25.40 -23.34
C ASP D 91 -20.92 24.00 -23.88
N GLY D 92 -21.98 23.39 -23.36
CA GLY D 92 -22.41 22.08 -23.83
C GLY D 92 -21.45 20.95 -23.51
N LEU D 93 -20.53 21.19 -22.60
CA LEU D 93 -19.55 20.18 -22.20
C LEU D 93 -20.15 19.21 -21.17
N LEU D 94 -21.19 19.66 -20.48
CA LEU D 94 -21.79 18.90 -19.39
C LEU D 94 -23.29 19.14 -19.31
N ILE D 95 -24.08 18.07 -19.40
CA ILE D 95 -25.53 18.19 -19.33
C ILE D 95 -26.04 17.77 -17.96
N GLN D 96 -27.21 18.24 -17.58
CA GLN D 96 -27.80 17.87 -16.29
C GLN D 96 -29.28 17.53 -16.39
N LYS D 97 -29.67 16.46 -15.73
CA LYS D 97 -31.05 16.02 -15.68
C LYS D 97 -31.37 15.55 -14.27
N ARG D 98 -32.44 16.08 -13.70
CA ARG D 98 -32.77 15.83 -12.30
C ARG D 98 -33.10 14.37 -12.00
N ARG D 99 -33.50 14.11 -10.76
CA ARG D 99 -33.90 12.77 -10.34
C ARG D 99 -34.88 12.85 -9.18
N GLY D 100 -35.28 14.07 -8.84
CA GLY D 100 -36.31 14.29 -7.84
C GLY D 100 -35.85 14.91 -6.54
N LEU D 101 -36.19 14.23 -5.44
CA LEU D 101 -35.99 14.76 -4.11
C LEU D 101 -34.59 14.47 -3.57
N ASN D 102 -34.35 13.21 -3.25
CA ASN D 102 -33.13 12.82 -2.55
C ASN D 102 -32.14 12.02 -3.40
N LYS D 103 -32.49 11.79 -4.66
CA LYS D 103 -31.58 11.12 -5.59
C LYS D 103 -30.73 12.13 -6.36
N PRO D 104 -29.41 12.08 -6.14
CA PRO D 104 -28.46 12.97 -6.83
C PRO D 104 -28.70 12.98 -8.34
N ASN D 105 -28.98 14.16 -8.88
CA ASN D 105 -29.26 14.30 -10.31
C ASN D 105 -28.19 13.68 -11.21
N ILE D 106 -28.61 13.23 -12.39
CA ILE D 106 -27.72 12.55 -13.33
C ILE D 106 -26.82 13.53 -14.07
N LEU D 107 -25.63 13.06 -14.46
CA LEU D 107 -24.69 13.88 -15.20
C LEU D 107 -24.08 13.14 -16.40
N TYR D 108 -24.46 13.57 -17.60
CA TYR D 108 -23.85 13.08 -18.83
C TYR D 108 -22.78 14.05 -19.29
N LEU D 109 -21.55 13.56 -19.43
CA LEU D 109 -20.47 14.42 -19.90
C LEU D 109 -20.40 14.44 -21.42
N MET D 110 -20.31 15.64 -21.98
CA MET D 110 -20.29 15.79 -23.43
C MET D 110 -18.87 15.99 -23.96
N LYS D 111 -18.57 15.31 -25.06
CA LYS D 111 -17.30 15.50 -25.75
C LYS D 111 -17.31 16.90 -26.34
N PRO D 112 -16.14 17.55 -26.38
CA PRO D 112 -16.04 18.94 -26.87
C PRO D 112 -16.41 19.04 -28.34
N ILE D 113 -16.36 20.27 -28.87
CA ILE D 113 -16.70 20.51 -30.27
C ILE D 113 -15.56 21.25 -30.96
N VAL D 114 -15.26 20.83 -32.20
CA VAL D 114 -14.14 21.40 -32.95
C VAL D 114 -14.59 21.95 -34.30
N THR D 115 -14.01 23.07 -34.69
CA THR D 115 -14.32 23.70 -35.96
C THR D 115 -13.05 23.77 -36.80
N GLU D 116 -13.18 24.13 -38.07
CA GLU D 116 -12.00 24.27 -38.93
C GLU D 116 -11.02 25.31 -38.39
N ARG D 117 -11.54 26.32 -37.70
CA ARG D 117 -10.68 27.34 -37.10
C ARG D 117 -9.90 26.73 -35.94
N ASP D 118 -10.52 25.80 -35.23
CA ASP D 118 -9.85 25.08 -34.15
C ASP D 118 -8.68 24.29 -34.69
N ILE D 119 -8.99 23.39 -35.63
CA ILE D 119 -7.98 22.51 -36.22
C ILE D 119 -6.72 23.26 -36.63
N TYR D 120 -6.89 24.32 -37.41
CA TYR D 120 -5.76 25.12 -37.86
C TYR D 120 -4.95 25.67 -36.68
N LYS D 121 -5.65 26.25 -35.72
CA LYS D 121 -5.00 26.81 -34.54
C LYS D 121 -4.14 25.77 -33.82
N ILE D 122 -4.70 24.57 -33.66
CA ILE D 122 -3.98 23.48 -33.00
C ILE D 122 -2.75 23.07 -33.80
N GLU D 123 -2.95 22.82 -35.09
CA GLU D 123 -1.87 22.39 -35.96
C GLU D 123 -0.72 23.39 -35.95
N LYS D 124 -1.04 24.67 -35.81
CA LYS D 124 -0.04 25.71 -35.75
C LYS D 124 0.73 25.66 -34.43
N GLU D 125 0.00 25.36 -33.35
CA GLU D 125 0.56 25.37 -32.00
C GLU D 125 1.43 24.13 -31.76
N GLU D 126 1.57 23.31 -32.79
CA GLU D 126 2.40 22.11 -32.72
C GLU D 126 3.57 22.21 -33.67
N ASN D 127 3.98 23.44 -33.97
CA ASN D 127 5.14 23.71 -34.82
C ASN D 127 5.77 25.05 -34.49
N ASP D 128 7.10 25.10 -34.43
CA ASP D 128 7.81 26.35 -34.16
C ASP D 128 9.23 26.33 -34.71
N VAL D 129 9.82 27.52 -34.85
CA VAL D 129 11.19 27.66 -35.34
C VAL D 129 12.18 27.59 -34.18
N GLN E 3 12.31 1.25 5.81
CA GLN E 3 11.66 0.25 6.66
C GLN E 3 12.63 -0.45 7.61
N TYR E 4 13.60 0.30 8.11
CA TYR E 4 14.55 -0.24 9.08
C TYR E 4 13.90 -0.49 10.43
N PHE E 5 14.73 -0.58 11.46
CA PHE E 5 14.29 -0.69 12.84
C PHE E 5 14.96 0.42 13.64
N THR E 6 14.30 1.57 13.73
CA THR E 6 14.85 2.71 14.45
C THR E 6 14.73 2.52 15.96
N VAL E 7 15.73 3.02 16.69
CA VAL E 7 15.73 2.92 18.14
C VAL E 7 14.65 3.82 18.74
N GLN E 8 14.47 4.98 18.14
CA GLN E 8 13.50 5.96 18.62
C GLN E 8 12.10 5.36 18.61
N GLU E 9 11.76 4.64 17.56
CA GLU E 9 10.44 4.02 17.48
C GLU E 9 10.30 2.89 18.49
N ASN E 10 11.41 2.24 18.79
CA ASN E 10 11.39 1.14 19.73
C ASN E 10 11.10 1.61 21.16
N TYR E 11 11.83 2.64 21.60
CA TYR E 11 11.57 3.26 22.89
C TYR E 11 10.25 4.04 22.85
N LYS E 12 9.69 4.18 21.66
CA LYS E 12 8.42 4.87 21.49
C LYS E 12 7.26 3.89 21.64
N GLU E 13 7.60 2.60 21.62
CA GLU E 13 6.60 1.54 21.73
C GLU E 13 6.75 0.82 23.06
N ARG E 14 7.13 1.57 24.09
CA ARG E 14 7.24 1.03 25.44
C ARG E 14 6.47 1.91 26.42
N PHE E 15 5.60 1.27 27.21
CA PHE E 15 4.63 2.01 28.01
C PHE E 15 4.23 1.32 29.32
N TYR E 16 3.90 2.11 30.33
CA TYR E 16 3.32 1.57 31.56
C TYR E 16 1.93 1.00 31.26
N GLN E 17 1.41 0.20 32.18
CA GLN E 17 0.14 -0.48 31.95
C GLN E 17 -0.81 -0.42 33.15
N ILE E 18 -1.96 0.22 32.96
CA ILE E 18 -2.96 0.33 34.01
C ILE E 18 -4.11 -0.63 33.71
N PRO E 19 -4.21 -1.72 34.49
CA PRO E 19 -5.25 -2.74 34.30
C PRO E 19 -6.60 -2.11 33.98
N LYS E 20 -7.09 -2.32 32.78
CA LYS E 20 -8.36 -1.75 32.34
C LYS E 20 -9.47 -1.97 33.37
N VAL E 21 -9.41 -3.07 34.09
CA VAL E 21 -10.40 -3.39 35.11
C VAL E 21 -10.46 -2.31 36.18
N PHE E 22 -9.35 -1.59 36.38
CA PHE E 22 -9.30 -0.52 37.37
C PHE E 22 -10.45 0.47 37.20
N PHE E 23 -10.92 0.62 35.97
CA PHE E 23 -11.97 1.59 35.66
C PHE E 23 -13.36 0.96 35.70
N THR E 24 -13.52 -0.14 34.98
CA THR E 24 -14.80 -0.84 34.91
C THR E 24 -15.21 -1.42 36.27
N SER E 25 -14.24 -1.93 37.02
CA SER E 25 -14.51 -2.59 38.29
C SER E 25 -15.14 -1.66 39.33
N GLU E 26 -15.84 -2.26 40.28
CA GLU E 26 -16.46 -1.52 41.37
C GLU E 26 -15.58 -1.60 42.62
N ASN E 27 -14.92 -2.74 42.79
CA ASN E 27 -13.98 -2.93 43.89
C ASN E 27 -12.84 -1.91 43.83
N TYR E 28 -12.59 -1.39 42.63
CA TYR E 28 -11.45 -0.51 42.39
C TYR E 28 -11.86 0.93 42.10
N LYS E 29 -13.16 1.19 42.00
CA LYS E 29 -13.63 2.55 41.75
C LYS E 29 -13.03 3.53 42.76
N ASN E 30 -12.68 3.00 43.93
CA ASN E 30 -12.05 3.81 44.97
C ASN E 30 -10.78 4.52 44.49
N LEU E 31 -9.95 3.79 43.75
CA LEU E 31 -8.67 4.32 43.30
C LEU E 31 -8.79 5.69 42.66
N THR E 32 -7.71 6.45 42.75
CA THR E 32 -7.65 7.78 42.14
C THR E 32 -6.76 7.73 40.91
N ASN E 33 -6.87 8.74 40.05
CA ASN E 33 -6.09 8.78 38.83
C ASN E 33 -4.58 8.76 39.07
N ASP E 34 -4.17 9.02 40.30
CA ASP E 34 -2.75 8.97 40.65
C ASP E 34 -2.32 7.57 41.07
N MET E 35 -3.17 6.88 41.82
CA MET E 35 -2.86 5.53 42.28
C MET E 35 -2.86 4.57 41.10
N LYS E 36 -3.67 4.86 40.10
CA LYS E 36 -3.67 4.10 38.86
C LYS E 36 -2.25 4.04 38.30
N ILE E 37 -1.72 5.21 37.96
CA ILE E 37 -0.36 5.29 37.42
C ILE E 37 0.66 4.71 38.37
N ALA E 38 0.40 4.86 39.67
CA ALA E 38 1.27 4.30 40.70
C ALA E 38 1.41 2.80 40.50
N TYR E 39 0.28 2.09 40.54
CA TYR E 39 0.28 0.65 40.35
C TYR E 39 0.97 0.25 39.06
N ALA E 40 0.70 1.01 37.99
CA ALA E 40 1.25 0.72 36.67
C ALA E 40 2.78 0.89 36.64
N ILE E 41 3.29 1.82 37.43
CA ILE E 41 4.73 2.06 37.48
C ILE E 41 5.42 1.07 38.43
N LEU E 42 4.66 0.59 39.42
CA LEU E 42 5.17 -0.44 40.32
C LEU E 42 5.18 -1.80 39.63
N ARG E 43 4.19 -2.01 38.77
CA ARG E 43 4.06 -3.27 38.06
C ARG E 43 5.16 -3.41 37.03
N ASP E 44 5.81 -2.29 36.71
CA ASP E 44 6.89 -2.29 35.73
C ASP E 44 8.24 -2.46 36.42
N ARG E 45 8.26 -2.24 37.73
CA ARG E 45 9.47 -2.47 38.52
C ARG E 45 9.68 -3.95 38.79
N LEU E 46 8.63 -4.75 38.60
CA LEU E 46 8.70 -6.19 38.78
C LEU E 46 9.94 -6.80 38.13
N ASN E 47 10.22 -6.40 36.89
CA ASN E 47 11.38 -6.88 36.17
C ASN E 47 12.70 -6.54 36.88
N LEU E 48 12.82 -5.29 37.30
CA LEU E 48 14.01 -4.86 38.04
C LEU E 48 14.05 -5.54 39.40
N SER E 49 12.87 -5.83 39.95
CA SER E 49 12.78 -6.56 41.21
C SER E 49 13.32 -7.97 41.02
N ILE E 50 13.08 -8.52 39.83
CA ILE E 50 13.60 -9.84 39.47
C ILE E 50 15.12 -9.85 39.44
N LYS E 51 15.71 -8.90 38.69
CA LYS E 51 17.16 -8.83 38.55
C LYS E 51 17.85 -8.47 39.86
N ASN E 52 17.06 -8.06 40.84
CA ASN E 52 17.58 -7.81 42.18
C ASN E 52 17.44 -9.05 43.06
N SER E 53 16.94 -10.13 42.45
CA SER E 53 16.79 -11.40 43.15
C SER E 53 15.68 -11.34 44.19
N TRP E 54 14.98 -10.22 44.23
CA TRP E 54 13.90 -10.04 45.21
C TRP E 54 12.73 -10.96 44.91
N VAL E 55 12.93 -12.26 45.11
CA VAL E 55 11.89 -13.25 44.88
C VAL E 55 11.95 -14.32 45.96
N ASP E 56 10.88 -14.45 46.72
CA ASP E 56 10.85 -15.40 47.84
C ASP E 56 10.90 -16.85 47.37
N GLU E 57 10.91 -17.77 48.33
CA GLU E 57 10.97 -19.20 48.04
C GLU E 57 9.71 -19.70 47.35
N ASP E 58 8.58 -19.07 47.66
CA ASP E 58 7.30 -19.42 47.05
C ASP E 58 7.26 -18.92 45.60
N GLY E 59 8.31 -18.22 45.18
CA GLY E 59 8.44 -17.74 43.81
C GLY E 59 7.76 -16.41 43.54
N ASN E 60 7.60 -15.61 44.58
CA ASN E 60 6.91 -14.33 44.45
C ASN E 60 7.88 -13.15 44.42
N ILE E 61 7.58 -12.17 43.58
CA ILE E 61 8.44 -11.00 43.44
C ILE E 61 8.00 -9.87 44.38
N TYR E 62 8.96 -9.22 45.02
CA TYR E 62 8.64 -8.22 46.04
C TYR E 62 9.61 -7.04 45.98
N PHE E 63 9.33 -6.01 46.76
CA PHE E 63 10.16 -4.81 46.79
C PHE E 63 10.79 -4.57 48.15
N VAL E 64 12.09 -4.27 48.14
CA VAL E 64 12.78 -3.92 49.37
C VAL E 64 13.17 -2.44 49.28
N TYR E 65 12.26 -1.65 48.72
CA TYR E 65 12.53 -0.24 48.49
C TYR E 65 12.19 0.63 49.68
N SER E 66 13.15 1.45 50.10
CA SER E 66 12.93 2.43 51.16
C SER E 66 11.91 3.46 50.69
N ASN E 67 11.16 4.02 51.63
CA ASN E 67 10.24 5.10 51.31
C ASN E 67 10.95 6.24 50.61
N GLU E 68 12.14 6.59 51.10
CA GLU E 68 12.97 7.62 50.49
C GLU E 68 13.18 7.32 49.01
N LYS E 69 13.40 6.04 48.70
CA LYS E 69 13.60 5.60 47.33
C LYS E 69 12.27 5.53 46.59
N LEU E 70 11.24 5.01 47.27
CA LEU E 70 9.94 4.80 46.67
C LEU E 70 9.34 6.11 46.17
N MET E 71 9.53 7.18 46.94
CA MET E 71 9.07 8.50 46.54
C MET E 71 9.74 8.92 45.25
N GLU E 72 11.04 8.66 45.15
CA GLU E 72 11.80 9.00 43.95
C GLU E 72 11.33 8.17 42.76
N ILE E 73 10.82 6.97 43.04
CA ILE E 73 10.32 6.10 42.00
C ILE E 73 9.01 6.61 41.39
N LEU E 74 8.03 6.90 42.24
CA LEU E 74 6.75 7.41 41.77
C LEU E 74 6.77 8.93 41.61
N ASN E 75 7.95 9.52 41.82
CA ASN E 75 8.12 10.97 41.77
C ASN E 75 7.01 11.72 42.49
N CYS E 76 6.89 11.48 43.79
CA CYS E 76 5.94 12.19 44.63
C CYS E 76 6.55 12.37 46.02
N LYS E 77 5.93 13.22 46.84
CA LYS E 77 6.44 13.50 48.18
C LYS E 77 5.70 12.70 49.26
N LYS E 78 6.09 12.91 50.51
CA LYS E 78 5.59 12.11 51.64
C LYS E 78 4.09 11.87 51.60
N GLU E 79 3.32 12.93 51.84
CA GLU E 79 1.86 12.85 51.89
C GLU E 79 1.27 11.98 50.77
N LYS E 80 1.65 12.26 49.52
CA LYS E 80 1.17 11.47 48.38
C LYS E 80 1.58 10.01 48.49
N LEU E 81 2.87 9.76 48.73
CA LEU E 81 3.38 8.40 48.83
C LEU E 81 2.56 7.59 49.83
N THR E 82 2.23 8.20 50.96
CA THR E 82 1.40 7.56 51.98
C THR E 82 -0.03 7.40 51.49
N LYS E 83 -0.57 8.46 50.91
CA LYS E 83 -1.91 8.43 50.32
C LYS E 83 -2.01 7.31 49.29
N ILE E 84 -0.94 7.13 48.52
CA ILE E 84 -0.92 6.10 47.48
C ILE E 84 -0.89 4.71 48.10
N LYS E 85 0.02 4.51 49.04
CA LYS E 85 0.14 3.21 49.71
C LYS E 85 -1.12 2.88 50.50
N LYS E 86 -1.57 3.84 51.31
CA LYS E 86 -2.75 3.63 52.14
C LYS E 86 -3.93 3.20 51.28
N GLY E 87 -4.18 3.95 50.21
CA GLY E 87 -5.27 3.65 49.31
C GLY E 87 -5.11 2.31 48.60
N LEU E 88 -3.94 2.08 48.03
CA LEU E 88 -3.68 0.84 47.30
C LEU E 88 -3.87 -0.40 48.16
N GLU E 89 -3.54 -0.29 49.44
CA GLU E 89 -3.64 -1.43 50.35
C GLU E 89 -5.09 -1.86 50.54
N ASN E 90 -5.96 -0.89 50.77
CA ASN E 90 -7.37 -1.17 51.09
C ASN E 90 -8.11 -1.91 49.97
N ASP E 91 -7.53 -1.93 48.78
CA ASP E 91 -8.15 -2.63 47.65
C ASP E 91 -7.43 -3.92 47.32
N GLY E 92 -6.72 -4.47 48.30
CA GLY E 92 -6.01 -5.72 48.14
C GLY E 92 -5.04 -5.71 46.97
N LEU E 93 -4.43 -4.56 46.73
CA LEU E 93 -3.47 -4.42 45.64
C LEU E 93 -2.04 -4.30 46.15
N LEU E 94 -1.89 -4.10 47.46
CA LEU E 94 -0.55 -3.99 48.06
C LEU E 94 -0.53 -4.64 49.43
N ILE E 95 0.60 -5.24 49.77
CA ILE E 95 0.82 -5.84 51.09
C ILE E 95 2.17 -5.41 51.63
N GLN E 96 2.16 -4.70 52.76
CA GLN E 96 3.39 -4.21 53.36
C GLN E 96 3.64 -4.86 54.71
N LYS E 97 4.35 -5.98 54.74
CA LYS E 97 4.73 -6.58 56.02
C LYS E 97 6.01 -5.94 56.53
N ARG E 98 5.92 -5.28 57.68
CA ARG E 98 7.05 -4.56 58.25
C ARG E 98 7.97 -5.47 59.08
N ARG E 99 9.22 -5.56 58.66
CA ARG E 99 10.26 -6.23 59.44
C ARG E 99 11.23 -5.18 59.99
N GLY E 100 11.05 -4.83 61.25
CA GLY E 100 11.80 -3.74 61.88
C GLY E 100 13.30 -3.78 61.64
N LEU E 101 14.04 -4.23 62.65
CA LEU E 101 15.49 -4.28 62.58
C LEU E 101 16.03 -2.88 62.29
N ASN E 102 16.20 -2.57 61.01
CA ASN E 102 16.64 -1.26 60.56
C ASN E 102 16.57 -1.20 59.04
N LYS E 103 16.37 -2.38 58.44
CA LYS E 103 16.27 -2.52 57.00
C LYS E 103 14.89 -2.10 56.50
N PRO E 104 14.81 -1.71 55.22
CA PRO E 104 13.59 -1.17 54.60
C PRO E 104 12.41 -2.12 54.69
N ASN E 105 11.20 -1.56 54.61
CA ASN E 105 9.99 -2.35 54.62
C ASN E 105 9.95 -3.24 53.38
N ILE E 106 9.13 -4.29 53.41
CA ILE E 106 8.98 -5.16 52.26
C ILE E 106 7.56 -5.09 51.69
N LEU E 107 7.46 -5.06 50.37
CA LEU E 107 6.17 -4.82 49.73
C LEU E 107 5.89 -5.83 48.62
N TYR E 108 4.66 -6.38 48.62
CA TYR E 108 4.25 -7.33 47.60
C TYR E 108 3.09 -6.79 46.76
N LEU E 109 3.39 -6.43 45.52
CA LEU E 109 2.37 -5.98 44.59
C LEU E 109 1.51 -7.18 44.18
N MET E 110 0.22 -6.94 43.99
CA MET E 110 -0.71 -8.02 43.67
C MET E 110 -1.55 -7.75 42.43
N LYS E 111 -1.84 -8.80 41.67
CA LYS E 111 -2.70 -8.68 40.50
C LYS E 111 -4.10 -8.27 40.95
N PRO E 112 -4.83 -7.57 40.07
CA PRO E 112 -6.20 -7.15 40.39
C PRO E 112 -7.14 -8.34 40.51
N ILE E 113 -8.44 -8.07 40.47
CA ILE E 113 -9.45 -9.13 40.59
C ILE E 113 -10.55 -8.95 39.54
N VAL E 114 -10.74 -9.98 38.70
CA VAL E 114 -11.70 -9.90 37.60
C VAL E 114 -12.98 -10.67 37.90
N THR E 115 -14.09 -9.94 38.04
CA THR E 115 -15.39 -10.53 38.33
C THR E 115 -16.18 -10.78 37.03
N GLU E 116 -17.50 -10.88 37.14
CA GLU E 116 -18.36 -11.04 35.97
C GLU E 116 -18.69 -9.68 35.36
N ARG E 117 -19.18 -8.78 36.20
CA ARG E 117 -19.51 -7.43 35.76
C ARG E 117 -18.35 -6.83 34.95
N ASP E 118 -17.12 -7.17 35.36
CA ASP E 118 -15.92 -6.65 34.71
C ASP E 118 -15.72 -7.18 33.29
N ILE E 119 -15.67 -8.50 33.14
CA ILE E 119 -15.50 -9.10 31.83
C ILE E 119 -16.57 -8.58 30.88
N TYR E 120 -17.82 -8.64 31.33
CA TYR E 120 -18.95 -8.14 30.56
C TYR E 120 -18.77 -6.68 30.18
N LYS E 121 -18.43 -5.84 31.15
CA LYS E 121 -18.21 -4.43 30.88
C LYS E 121 -17.06 -4.22 29.90
N ILE E 122 -15.94 -4.89 30.14
CA ILE E 122 -14.76 -4.73 29.30
C ILE E 122 -14.97 -5.36 27.93
N GLU E 123 -15.85 -6.35 27.87
CA GLU E 123 -16.22 -6.97 26.60
C GLU E 123 -16.95 -5.95 25.73
N LYS E 124 -17.91 -5.25 26.32
CA LYS E 124 -18.68 -4.22 25.62
C LYS E 124 -17.82 -3.01 25.28
N GLU E 125 -17.11 -2.49 26.28
CA GLU E 125 -16.22 -1.35 26.09
C GLU E 125 -15.00 -1.69 25.23
N GLU E 126 -15.07 -2.82 24.52
CA GLU E 126 -14.02 -3.22 23.59
C GLU E 126 -14.60 -3.36 22.17
N ASN E 127 -15.90 -3.66 22.11
CA ASN E 127 -16.58 -3.80 20.82
C ASN E 127 -17.65 -2.74 20.61
N ASP E 128 -17.34 -1.49 20.97
CA ASP E 128 -18.26 -0.39 20.79
C ASP E 128 -18.19 0.12 19.36
N VAL E 129 -18.40 -0.78 18.41
CA VAL E 129 -18.26 -0.48 16.98
C VAL E 129 -19.32 0.49 16.46
N GLU E 130 -19.43 0.56 15.14
CA GLU E 130 -20.35 1.47 14.48
C GLU E 130 -21.67 0.79 14.15
N PRO E 131 -22.76 1.29 14.73
CA PRO E 131 -24.10 0.73 14.47
C PRO E 131 -24.42 0.71 12.97
N TYR E 132 -24.53 -0.49 12.41
CA TYR E 132 -24.82 -0.64 10.98
C TYR E 132 -26.28 -0.98 10.73
N GLN F 3 -0.56 -25.14 33.05
CA GLN F 3 -1.98 -25.24 33.40
C GLN F 3 -2.87 -24.84 32.22
N TYR F 4 -4.03 -24.26 32.54
CA TYR F 4 -5.01 -23.88 31.54
C TYR F 4 -4.96 -22.39 31.22
N PHE F 5 -5.63 -22.01 30.13
CA PHE F 5 -5.79 -20.60 29.78
C PHE F 5 -7.14 -20.10 30.27
N THR F 6 -7.18 -19.58 31.50
CA THR F 6 -8.40 -19.04 32.06
C THR F 6 -8.71 -17.65 31.49
N VAL F 7 -9.99 -17.36 31.30
CA VAL F 7 -10.42 -16.06 30.81
C VAL F 7 -10.19 -15.00 31.88
N GLN F 8 -10.37 -15.38 33.14
CA GLN F 8 -10.11 -14.46 34.24
C GLN F 8 -8.69 -13.94 34.15
N GLU F 9 -7.81 -14.75 33.57
CA GLU F 9 -6.41 -14.39 33.43
C GLU F 9 -6.19 -13.50 32.21
N ASN F 10 -6.93 -13.80 31.13
CA ASN F 10 -6.80 -13.10 29.86
C ASN F 10 -7.25 -11.63 29.93
N TYR F 11 -8.26 -11.37 30.76
CA TYR F 11 -8.76 -10.01 30.96
C TYR F 11 -8.01 -9.29 32.09
N LYS F 12 -7.46 -10.06 33.01
CA LYS F 12 -6.66 -9.51 34.09
C LYS F 12 -5.38 -8.95 33.49
N GLU F 13 -5.11 -9.31 32.24
CA GLU F 13 -3.92 -8.85 31.54
C GLU F 13 -4.28 -7.87 30.42
N ARG F 14 -5.39 -7.18 30.60
CA ARG F 14 -5.78 -6.11 29.68
C ARG F 14 -5.69 -4.75 30.37
N PHE F 15 -4.96 -3.82 29.76
CA PHE F 15 -4.72 -2.52 30.36
C PHE F 15 -4.57 -1.41 29.32
N TYR F 16 -4.77 -0.17 29.75
CA TYR F 16 -4.48 0.98 28.88
C TYR F 16 -2.98 1.26 28.97
N GLN F 17 -2.38 1.73 27.89
CA GLN F 17 -0.93 1.91 27.85
C GLN F 17 -0.50 3.38 27.83
N ILE F 18 0.43 3.73 28.70
CA ILE F 18 0.97 5.09 28.78
C ILE F 18 2.44 5.09 28.40
N PRO F 19 2.75 5.62 27.22
CA PRO F 19 4.14 5.67 26.73
C PRO F 19 5.07 6.27 27.77
N LYS F 20 6.11 5.52 28.13
CA LYS F 20 7.04 5.92 29.18
C LYS F 20 7.61 7.31 28.98
N VAL F 21 7.83 7.69 27.73
CA VAL F 21 8.37 9.01 27.40
C VAL F 21 7.54 10.16 27.98
N PHE F 22 6.30 9.87 28.37
CA PHE F 22 5.46 10.89 28.99
C PHE F 22 5.98 11.31 30.36
N PHE F 23 6.88 10.50 30.93
CA PHE F 23 7.39 10.76 32.26
C PHE F 23 8.86 11.14 32.24
N THR F 24 9.40 11.36 31.05
CA THR F 24 10.82 11.72 30.91
C THR F 24 11.01 12.92 29.97
N SER F 25 10.26 12.92 28.87
CA SER F 25 10.34 13.98 27.87
C SER F 25 10.18 15.36 28.51
N GLU F 26 11.20 16.20 28.33
CA GLU F 26 11.13 17.59 28.78
C GLU F 26 9.94 18.27 28.14
N ASN F 27 9.56 17.78 26.97
CA ASN F 27 8.42 18.31 26.22
C ASN F 27 7.07 17.97 26.86
N TYR F 28 7.05 16.88 27.63
CA TYR F 28 5.81 16.37 28.19
C TYR F 28 5.64 16.67 29.69
N LYS F 29 6.32 17.71 30.16
CA LYS F 29 6.14 18.19 31.53
C LYS F 29 4.71 18.62 31.73
N ASN F 30 4.24 19.47 30.82
CA ASN F 30 2.90 20.04 30.86
C ASN F 30 1.85 18.99 30.53
N LEU F 31 1.73 18.00 31.40
CA LEU F 31 0.78 16.91 31.20
C LEU F 31 0.29 16.39 32.55
N THR F 32 -0.98 16.64 32.84
CA THR F 32 -1.59 16.07 34.03
C THR F 32 -1.69 14.57 33.85
N ASN F 33 -2.05 13.85 34.91
CA ASN F 33 -2.20 12.41 34.81
C ASN F 33 -3.45 12.06 34.00
N ASP F 34 -4.53 12.78 34.27
CA ASP F 34 -5.79 12.55 33.58
C ASP F 34 -5.61 12.64 32.07
N MET F 35 -4.65 13.46 31.64
CA MET F 35 -4.37 13.66 30.23
C MET F 35 -3.67 12.45 29.64
N LYS F 36 -2.75 11.86 30.40
CA LYS F 36 -2.04 10.67 29.97
C LYS F 36 -2.97 9.47 29.91
N ILE F 37 -3.69 9.23 31.01
CA ILE F 37 -4.69 8.18 31.01
C ILE F 37 -5.62 8.39 29.82
N ALA F 38 -6.01 9.66 29.59
CA ALA F 38 -6.89 9.99 28.49
C ALA F 38 -6.25 9.59 27.16
N TYR F 39 -5.00 9.98 26.98
CA TYR F 39 -4.24 9.59 25.80
C TYR F 39 -4.22 8.07 25.64
N ALA F 40 -4.18 7.36 26.76
CA ALA F 40 -4.17 5.89 26.73
C ALA F 40 -5.52 5.31 26.31
N ILE F 41 -6.57 5.72 27.01
CA ILE F 41 -7.92 5.22 26.71
C ILE F 41 -8.28 5.46 25.25
N LEU F 42 -7.78 6.56 24.70
CA LEU F 42 -7.99 6.86 23.30
C LEU F 42 -7.15 5.91 22.43
N ARG F 43 -5.91 5.68 22.85
CA ARG F 43 -5.03 4.77 22.13
C ARG F 43 -5.67 3.39 22.04
N ASP F 44 -6.37 3.00 23.09
CA ASP F 44 -7.08 1.72 23.13
C ASP F 44 -8.27 1.75 22.18
N ARG F 45 -8.76 2.96 21.88
CA ARG F 45 -9.88 3.13 20.97
C ARG F 45 -9.44 3.10 19.51
N LEU F 46 -8.13 3.26 19.29
CA LEU F 46 -7.57 3.23 17.95
C LEU F 46 -8.03 2.01 17.15
N ASN F 47 -7.91 0.83 17.77
CA ASN F 47 -8.24 -0.42 17.08
C ASN F 47 -9.74 -0.62 16.91
N LEU F 48 -10.52 0.24 17.57
CA LEU F 48 -11.95 0.21 17.44
C LEU F 48 -12.37 1.20 16.35
N SER F 49 -11.46 2.12 16.02
CA SER F 49 -11.70 3.08 14.96
C SER F 49 -11.66 2.35 13.63
N ILE F 50 -10.74 1.40 13.52
CA ILE F 50 -10.55 0.65 12.28
C ILE F 50 -11.78 -0.15 11.91
N LYS F 51 -12.39 -0.80 12.91
CA LYS F 51 -13.62 -1.53 12.67
C LYS F 51 -14.70 -0.62 12.11
N ASN F 52 -14.69 0.64 12.55
CA ASN F 52 -15.63 1.64 12.05
C ASN F 52 -15.22 2.14 10.67
N SER F 53 -14.01 1.78 10.26
CA SER F 53 -13.46 2.20 8.97
C SER F 53 -13.12 3.68 8.99
N TRP F 54 -12.83 4.21 10.17
CA TRP F 54 -12.42 5.61 10.29
C TRP F 54 -10.97 5.77 9.85
N VAL F 55 -10.71 5.42 8.60
CA VAL F 55 -9.36 5.48 8.03
C VAL F 55 -9.36 6.36 6.78
N ASP F 56 -8.65 7.47 6.84
CA ASP F 56 -8.59 8.38 5.69
C ASP F 56 -7.91 7.71 4.49
N GLU F 57 -7.95 8.38 3.34
CA GLU F 57 -7.36 7.85 2.12
C GLU F 57 -5.84 7.65 2.26
N ASP F 58 -5.19 8.51 3.03
CA ASP F 58 -3.76 8.38 3.27
C ASP F 58 -3.45 7.13 4.07
N GLY F 59 -4.47 6.58 4.74
CA GLY F 59 -4.32 5.38 5.53
C GLY F 59 -4.33 5.65 7.03
N ASN F 60 -4.35 6.92 7.40
CA ASN F 60 -4.32 7.32 8.80
C ASN F 60 -5.63 7.03 9.53
N ILE F 61 -5.53 6.80 10.84
CA ILE F 61 -6.70 6.52 11.67
C ILE F 61 -7.18 7.78 12.38
N TYR F 62 -8.50 7.95 12.48
CA TYR F 62 -9.06 9.12 13.13
C TYR F 62 -10.27 8.77 14.00
N PHE F 63 -10.73 9.74 14.79
CA PHE F 63 -11.85 9.56 15.69
C PHE F 63 -12.98 10.53 15.36
N VAL F 64 -14.13 10.01 14.96
CA VAL F 64 -15.30 10.85 14.74
C VAL F 64 -16.28 10.70 15.90
N TYR F 65 -15.85 11.10 17.09
CA TYR F 65 -16.70 10.99 18.26
C TYR F 65 -17.28 12.33 18.70
N SER F 66 -18.58 12.36 18.95
CA SER F 66 -19.24 13.54 19.49
C SER F 66 -18.69 13.81 20.88
N ASN F 67 -18.83 15.05 21.35
CA ASN F 67 -18.33 15.40 22.67
C ASN F 67 -19.06 14.63 23.77
N GLU F 68 -20.29 14.23 23.49
CA GLU F 68 -21.06 13.42 24.44
C GLU F 68 -20.46 12.03 24.54
N LYS F 69 -20.05 11.48 23.41
CA LYS F 69 -19.42 10.17 23.37
C LYS F 69 -18.05 10.22 24.04
N LEU F 70 -17.27 11.25 23.72
CA LEU F 70 -15.98 11.45 24.38
C LEU F 70 -16.18 11.70 25.87
N MET F 71 -17.31 12.31 26.22
CA MET F 71 -17.65 12.57 27.61
C MET F 71 -17.91 11.27 28.36
N GLU F 72 -18.28 10.24 27.61
CA GLU F 72 -18.51 8.92 28.17
C GLU F 72 -17.20 8.13 28.18
N ILE F 73 -16.51 8.12 27.05
CA ILE F 73 -15.24 7.42 26.92
C ILE F 73 -14.25 7.79 28.03
N LEU F 74 -13.86 9.05 28.08
CA LEU F 74 -12.90 9.51 29.08
C LEU F 74 -13.56 9.75 30.43
N ASN F 75 -14.89 9.74 30.46
CA ASN F 75 -15.64 9.89 31.70
C ASN F 75 -15.33 11.20 32.44
N CYS F 76 -15.94 12.29 31.99
CA CYS F 76 -15.81 13.60 32.63
C CYS F 76 -16.79 14.58 32.01
N LYS F 77 -16.74 15.83 32.47
CA LYS F 77 -17.60 16.88 31.93
C LYS F 77 -16.88 17.67 30.84
N LYS F 78 -17.66 18.33 29.98
CA LYS F 78 -17.08 19.06 28.85
C LYS F 78 -15.93 19.98 29.26
N GLU F 79 -16.10 20.66 30.39
CA GLU F 79 -15.07 21.58 30.87
C GLU F 79 -13.70 20.90 30.92
N LYS F 80 -13.69 19.63 31.34
CA LYS F 80 -12.48 18.82 31.42
C LYS F 80 -12.17 18.18 30.06
N LEU F 81 -13.21 17.67 29.40
CA LEU F 81 -13.05 17.08 28.09
C LEU F 81 -12.27 18.03 27.18
N THR F 82 -12.56 19.32 27.32
CA THR F 82 -11.86 20.35 26.56
C THR F 82 -10.45 20.54 27.10
N LYS F 83 -10.34 20.66 28.42
CA LYS F 83 -9.06 20.82 29.08
C LYS F 83 -8.05 19.78 28.59
N ILE F 84 -8.55 18.57 28.34
CA ILE F 84 -7.70 17.47 27.89
C ILE F 84 -7.27 17.63 26.42
N LYS F 85 -8.26 17.73 25.54
CA LYS F 85 -8.03 17.92 24.11
C LYS F 85 -7.04 19.06 23.87
N LYS F 86 -7.26 20.19 24.52
CA LYS F 86 -6.39 21.35 24.38
C LYS F 86 -4.95 20.97 24.72
N GLY F 87 -4.71 20.64 25.98
CA GLY F 87 -3.39 20.27 26.46
C GLY F 87 -2.71 19.25 25.57
N LEU F 88 -3.44 18.20 25.19
CA LEU F 88 -2.91 17.18 24.30
C LEU F 88 -2.50 17.79 22.95
N GLU F 89 -3.40 18.58 22.37
CA GLU F 89 -3.14 19.23 21.10
C GLU F 89 -1.97 20.20 21.22
N ASN F 90 -1.99 21.02 22.27
CA ASN F 90 -0.94 21.98 22.53
C ASN F 90 0.44 21.35 22.55
N ASP F 91 0.50 20.09 22.95
CA ASP F 91 1.77 19.37 23.09
C ASP F 91 2.18 18.64 21.82
N GLY F 92 1.20 18.30 20.99
CA GLY F 92 1.49 17.71 19.69
C GLY F 92 1.15 16.24 19.59
N LEU F 93 0.04 15.85 20.20
CA LEU F 93 -0.38 14.45 20.21
C LEU F 93 -1.79 14.29 19.68
N LEU F 94 -2.53 15.40 19.61
CA LEU F 94 -3.90 15.36 19.10
C LEU F 94 -4.15 16.49 18.13
N ILE F 95 -4.88 16.19 17.06
CA ILE F 95 -5.30 17.18 16.07
C ILE F 95 -6.83 17.18 15.92
N GLN F 96 -7.43 18.35 16.13
CA GLN F 96 -8.88 18.48 16.04
C GLN F 96 -9.28 19.44 14.93
N LYS F 97 -9.65 18.89 13.77
CA LYS F 97 -10.10 19.70 12.65
C LYS F 97 -11.59 19.98 12.77
N ARG F 98 -11.94 21.26 12.91
CA ARG F 98 -13.33 21.67 13.08
C ARG F 98 -14.17 21.31 11.85
N ARG F 99 -15.02 20.31 12.01
CA ARG F 99 -15.90 19.86 10.94
C ARG F 99 -17.21 20.61 11.02
N GLY F 100 -17.49 21.43 10.02
CA GLY F 100 -18.68 22.26 10.02
C GLY F 100 -19.95 21.45 10.19
N LEU F 101 -21.06 22.14 10.40
CA LEU F 101 -22.38 21.51 10.54
C LEU F 101 -22.48 20.82 11.90
N ASN F 102 -23.54 20.05 12.10
CA ASN F 102 -23.73 19.32 13.34
C ASN F 102 -22.94 18.00 13.37
N LYS F 103 -22.08 17.81 12.39
CA LYS F 103 -21.22 16.63 12.34
C LYS F 103 -20.13 16.71 13.40
N PRO F 104 -19.92 15.60 14.13
CA PRO F 104 -18.94 15.50 15.21
C PRO F 104 -17.55 15.96 14.79
N ASN F 105 -16.69 16.20 15.76
CA ASN F 105 -15.35 16.71 15.47
C ASN F 105 -14.35 15.60 15.13
N ILE F 106 -13.71 15.71 13.97
CA ILE F 106 -12.74 14.72 13.54
C ILE F 106 -11.42 14.89 14.30
N LEU F 107 -10.96 13.80 14.91
CA LEU F 107 -9.71 13.82 15.68
C LEU F 107 -8.66 12.85 15.13
N TYR F 108 -7.42 13.31 15.10
CA TYR F 108 -6.29 12.47 14.68
C TYR F 108 -5.36 12.21 15.86
N LEU F 109 -5.32 10.97 16.33
CA LEU F 109 -4.39 10.61 17.40
C LEU F 109 -2.97 10.70 16.86
N MET F 110 -2.01 10.95 17.74
CA MET F 110 -0.61 11.04 17.32
C MET F 110 0.27 10.17 18.21
N LYS F 111 1.45 9.81 17.69
CA LYS F 111 2.42 9.03 18.45
C LYS F 111 3.47 9.96 19.04
N PRO F 112 4.02 9.60 20.20
CA PRO F 112 4.96 10.47 20.92
C PRO F 112 6.27 10.69 20.18
N ILE F 113 7.09 11.60 20.70
CA ILE F 113 8.40 11.88 20.11
C ILE F 113 9.49 11.41 21.06
N VAL F 114 10.59 10.92 20.50
CA VAL F 114 11.68 10.39 21.31
C VAL F 114 13.03 11.00 20.93
N THR F 115 13.64 11.70 21.88
CA THR F 115 14.92 12.36 21.64
C THR F 115 16.06 11.60 22.30
N GLU F 116 17.21 12.26 22.43
CA GLU F 116 18.39 11.64 23.01
C GLU F 116 18.29 11.62 24.53
N ARG F 117 18.02 12.79 25.11
CA ARG F 117 17.79 12.92 26.54
C ARG F 117 16.54 12.16 26.97
N ASP F 118 15.84 11.59 25.97
CA ASP F 118 14.64 10.81 26.23
C ASP F 118 14.99 9.33 26.41
N ILE F 119 15.57 8.74 25.38
CA ILE F 119 15.89 7.32 25.42
C ILE F 119 16.78 6.99 26.61
N TYR F 120 17.84 7.77 26.78
CA TYR F 120 18.79 7.56 27.88
C TYR F 120 18.09 7.62 29.24
N LYS F 121 17.21 8.60 29.40
CA LYS F 121 16.48 8.78 30.66
C LYS F 121 15.55 7.60 30.94
N ILE F 122 15.32 6.77 29.93
CA ILE F 122 14.52 5.56 30.10
C ILE F 122 15.42 4.35 30.34
N GLU F 123 16.52 4.28 29.60
CA GLU F 123 17.49 3.18 29.77
C GLU F 123 17.98 3.11 31.20
N LYS F 124 18.09 4.27 31.85
CA LYS F 124 18.59 4.33 33.22
C LYS F 124 17.55 3.79 34.19
N GLU F 125 16.27 4.01 33.86
CA GLU F 125 15.16 3.55 34.67
C GLU F 125 14.97 2.04 34.54
N GLU F 126 15.28 1.50 33.36
CA GLU F 126 15.12 0.07 33.11
C GLU F 126 16.15 -0.73 33.89
N ASN F 127 17.26 -0.08 34.23
CA ASN F 127 18.35 -0.73 34.95
C ASN F 127 18.71 -0.03 36.25
N ASP F 128 17.93 -0.28 37.29
CA ASP F 128 18.20 0.30 38.61
C ASP F 128 18.62 -0.81 39.57
N VAL F 129 19.34 -1.79 39.05
CA VAL F 129 19.84 -2.90 39.85
C VAL F 129 20.85 -2.39 40.87
N GLU F 130 20.41 -2.24 42.12
CA GLU F 130 21.28 -1.76 43.18
C GLU F 130 22.42 -2.74 43.45
N PRO F 131 23.58 -2.23 43.89
CA PRO F 131 24.78 -3.06 44.11
C PRO F 131 24.54 -4.21 45.07
N TYR F 132 25.19 -5.34 44.82
CA TYR F 132 25.07 -6.51 45.68
C TYR F 132 26.42 -6.88 46.29
N GLN G 3 4.03 10.89 11.36
CA GLN G 3 3.92 10.74 12.81
C GLN G 3 2.51 10.32 13.25
N TYR G 4 1.74 9.80 12.31
CA TYR G 4 0.34 9.44 12.57
C TYR G 4 0.22 7.96 12.93
N PHE G 5 -0.95 7.59 13.46
CA PHE G 5 -1.28 6.19 13.63
C PHE G 5 -1.90 5.68 12.34
N THR G 6 -1.09 4.98 11.53
CA THR G 6 -1.55 4.46 10.25
C THR G 6 -2.04 3.02 10.38
N VAL G 7 -3.20 2.74 9.80
CA VAL G 7 -3.73 1.38 9.75
C VAL G 7 -2.68 0.44 9.20
N GLN G 8 -1.98 0.89 8.17
CA GLN G 8 -0.90 0.14 7.56
C GLN G 8 0.15 -0.28 8.57
N GLU G 9 0.42 0.59 9.55
CA GLU G 9 1.38 0.30 10.61
C GLU G 9 0.78 -0.67 11.62
N ASN G 10 -0.47 -0.40 12.02
CA ASN G 10 -1.16 -1.22 12.99
C ASN G 10 -1.18 -2.70 12.63
N TYR G 11 -1.54 -2.99 11.39
CA TYR G 11 -1.63 -4.38 10.93
C TYR G 11 -0.25 -4.99 10.67
N LYS G 12 0.76 -4.14 10.63
CA LYS G 12 2.13 -4.60 10.44
C LYS G 12 2.73 -5.06 11.77
N GLU G 13 2.13 -4.63 12.87
CA GLU G 13 2.62 -4.94 14.20
C GLU G 13 1.72 -5.92 14.94
N ARG G 14 1.14 -6.85 14.20
CA ARG G 14 0.34 -7.92 14.79
C ARG G 14 1.11 -9.23 14.63
N PHE G 15 1.55 -9.80 15.74
CA PHE G 15 2.45 -10.95 15.69
C PHE G 15 1.85 -12.24 16.22
N TYR G 16 2.43 -13.36 15.80
CA TYR G 16 2.11 -14.67 16.36
C TYR G 16 3.00 -14.94 17.57
N GLN G 17 2.39 -15.34 18.67
CA GLN G 17 3.10 -15.48 19.93
C GLN G 17 3.67 -16.88 20.13
N ILE G 18 5.00 -16.98 20.16
CA ILE G 18 5.67 -18.26 20.34
C ILE G 18 6.49 -18.28 21.64
N PRO G 19 6.00 -18.99 22.66
CA PRO G 19 6.70 -19.04 23.94
C PRO G 19 8.15 -19.47 23.78
N LYS G 20 9.07 -18.54 24.02
CA LYS G 20 10.50 -18.78 23.84
C LYS G 20 11.03 -19.77 24.85
N VAL G 21 10.12 -20.36 25.62
CA VAL G 21 10.48 -21.35 26.64
C VAL G 21 10.65 -22.73 26.01
N PHE G 22 10.65 -22.79 24.69
CA PHE G 22 10.81 -24.04 23.97
C PHE G 22 12.28 -24.32 23.63
N PHE G 23 12.96 -23.29 23.14
CA PHE G 23 14.37 -23.41 22.74
C PHE G 23 15.30 -23.51 23.94
N THR G 24 14.73 -23.84 25.09
CA THR G 24 15.49 -23.91 26.33
C THR G 24 15.03 -25.05 27.23
N SER G 25 13.72 -25.16 27.44
CA SER G 25 13.17 -26.20 28.30
C SER G 25 13.42 -27.58 27.69
N GLU G 26 14.29 -28.36 28.35
CA GLU G 26 14.65 -29.67 27.84
C GLU G 26 13.50 -30.66 28.00
N ASN G 27 12.30 -30.14 28.27
CA ASN G 27 11.10 -30.95 28.31
C ASN G 27 10.28 -30.76 27.04
N TYR G 28 10.75 -29.87 26.17
CA TYR G 28 10.04 -29.53 24.94
C TYR G 28 10.87 -29.75 23.69
N LYS G 29 12.07 -30.31 23.85
CA LYS G 29 12.93 -30.62 22.71
C LYS G 29 12.18 -31.53 21.71
N ASN G 30 11.22 -32.28 22.23
CA ASN G 30 10.42 -33.18 21.41
C ASN G 30 9.34 -32.46 20.59
N LEU G 31 9.73 -31.39 19.91
CA LEU G 31 8.80 -30.63 19.07
C LEU G 31 9.47 -30.19 17.77
N THR G 32 8.69 -30.15 16.70
CA THR G 32 9.18 -29.70 15.41
C THR G 32 8.92 -28.20 15.26
N ASN G 33 9.67 -27.55 14.37
CA ASN G 33 9.48 -26.13 14.12
C ASN G 33 8.09 -25.84 13.54
N ASP G 34 7.55 -26.78 12.79
CA ASP G 34 6.22 -26.63 12.22
C ASP G 34 5.15 -26.95 13.28
N MET G 35 5.59 -27.37 14.46
CA MET G 35 4.67 -27.64 15.57
C MET G 35 4.70 -26.51 16.58
N LYS G 36 5.82 -25.79 16.64
CA LYS G 36 5.93 -24.59 17.48
C LYS G 36 5.03 -23.50 16.92
N ILE G 37 5.13 -23.28 15.60
CA ILE G 37 4.31 -22.31 14.91
C ILE G 37 2.83 -22.71 14.94
N ALA G 38 2.58 -24.01 14.88
CA ALA G 38 1.22 -24.54 14.98
C ALA G 38 0.61 -24.16 16.32
N TYR G 39 1.43 -24.12 17.35
CA TYR G 39 0.97 -23.74 18.69
C TYR G 39 0.63 -22.25 18.75
N ALA G 40 1.56 -21.42 18.31
CA ALA G 40 1.38 -19.97 18.32
C ALA G 40 0.03 -19.55 17.73
N ILE G 41 -0.29 -20.13 16.57
CA ILE G 41 -1.55 -19.86 15.89
C ILE G 41 -2.73 -20.18 16.78
N LEU G 42 -2.71 -21.37 17.36
CA LEU G 42 -3.77 -21.79 18.30
C LEU G 42 -3.92 -20.80 19.45
N ARG G 43 -2.79 -20.26 19.91
CA ARG G 43 -2.81 -19.32 21.03
C ARG G 43 -3.41 -17.98 20.60
N ASP G 44 -3.27 -17.66 19.31
CA ASP G 44 -3.84 -16.43 18.77
C ASP G 44 -5.34 -16.57 18.55
N ARG G 45 -5.77 -17.77 18.18
CA ARG G 45 -7.18 -18.03 17.95
C ARG G 45 -7.93 -18.27 19.27
N LEU G 46 -7.28 -17.88 20.37
CA LEU G 46 -7.92 -17.92 21.68
C LEU G 46 -8.92 -16.77 21.81
N ASN G 47 -8.63 -15.67 21.12
CA ASN G 47 -9.53 -14.52 21.11
C ASN G 47 -10.90 -14.89 20.56
N LEU G 48 -10.90 -15.58 19.42
CA LEU G 48 -12.14 -16.02 18.78
C LEU G 48 -12.91 -16.92 19.73
N SER G 49 -12.18 -17.80 20.42
CA SER G 49 -12.77 -18.74 21.37
C SER G 49 -13.61 -18.02 22.43
N ILE G 50 -13.11 -16.88 22.88
CA ILE G 50 -13.82 -16.09 23.87
C ILE G 50 -15.12 -15.51 23.30
N LYS G 51 -15.03 -14.95 22.10
CA LYS G 51 -16.19 -14.37 21.43
C LYS G 51 -17.22 -15.43 21.08
N ASN G 52 -16.75 -16.63 20.74
CA ASN G 52 -17.64 -17.74 20.45
C ASN G 52 -18.16 -18.38 21.73
N SER G 53 -17.95 -17.69 22.85
CA SER G 53 -18.32 -18.20 24.17
C SER G 53 -17.98 -19.67 24.34
N TRP G 54 -16.75 -20.02 23.97
CA TRP G 54 -16.23 -21.37 24.18
C TRP G 54 -15.45 -21.38 25.48
N VAL G 55 -16.16 -21.15 26.58
CA VAL G 55 -15.55 -21.07 27.90
C VAL G 55 -16.14 -22.09 28.86
N ASP G 56 -15.27 -22.76 29.61
CA ASP G 56 -15.69 -23.77 30.56
C ASP G 56 -16.62 -23.16 31.61
N GLU G 57 -17.33 -24.00 32.34
CA GLU G 57 -18.23 -23.54 33.39
C GLU G 57 -17.46 -22.91 34.55
N ASP G 58 -16.15 -22.87 34.43
CA ASP G 58 -15.29 -22.20 35.43
C ASP G 58 -14.57 -21.03 34.81
N GLY G 59 -13.97 -21.25 33.63
CA GLY G 59 -13.28 -20.18 32.93
C GLY G 59 -12.18 -20.69 32.02
N ASN G 60 -12.22 -21.97 31.68
CA ASN G 60 -11.20 -22.55 30.83
C ASN G 60 -11.55 -22.40 29.35
N ILE G 61 -10.76 -21.62 28.63
CA ILE G 61 -10.99 -21.39 27.21
C ILE G 61 -10.69 -22.63 26.37
N TYR G 62 -11.61 -23.00 25.49
CA TYR G 62 -11.42 -24.14 24.61
C TYR G 62 -11.73 -23.83 23.16
N PHE G 63 -11.46 -24.80 22.28
CA PHE G 63 -11.72 -24.64 20.85
C PHE G 63 -12.71 -25.69 20.36
N VAL G 64 -13.40 -25.40 19.26
CA VAL G 64 -14.31 -26.36 18.64
C VAL G 64 -14.07 -26.44 17.13
N TYR G 65 -12.80 -26.30 16.74
CA TYR G 65 -12.42 -26.45 15.35
C TYR G 65 -12.26 -27.92 15.00
N SER G 66 -13.07 -28.40 14.05
CA SER G 66 -12.93 -29.77 13.57
C SER G 66 -11.66 -29.90 12.74
N ASN G 67 -11.27 -31.14 12.46
CA ASN G 67 -10.08 -31.40 11.65
C ASN G 67 -10.07 -30.54 10.40
N GLU G 68 -11.26 -30.30 9.85
CA GLU G 68 -11.42 -29.53 8.63
C GLU G 68 -10.82 -28.13 8.77
N LYS G 69 -11.13 -27.47 9.89
CA LYS G 69 -10.67 -26.11 10.14
C LYS G 69 -9.18 -26.05 10.44
N LEU G 70 -8.69 -27.01 11.22
CA LEU G 70 -7.27 -27.02 11.57
C LEU G 70 -6.41 -27.09 10.31
N MET G 71 -6.78 -27.97 9.39
CA MET G 71 -6.04 -28.12 8.13
C MET G 71 -5.95 -26.77 7.43
N GLU G 72 -6.99 -25.98 7.56
CA GLU G 72 -7.01 -24.62 7.03
C GLU G 72 -6.17 -23.71 7.91
N ILE G 73 -6.59 -23.57 9.16
CA ILE G 73 -5.91 -22.74 10.15
C ILE G 73 -4.40 -22.81 10.01
N LEU G 74 -3.86 -24.02 10.04
CA LEU G 74 -2.42 -24.23 9.98
C LEU G 74 -1.93 -24.35 8.54
N ASN G 75 -2.85 -24.67 7.63
CA ASN G 75 -2.51 -24.83 6.22
C ASN G 75 -1.42 -25.90 5.99
N CYS G 76 -1.79 -27.15 6.21
CA CYS G 76 -0.86 -28.28 6.03
C CYS G 76 -1.62 -29.57 5.71
N LYS G 77 -0.88 -30.58 5.26
CA LYS G 77 -1.48 -31.86 4.86
C LYS G 77 -2.43 -32.43 5.89
N LYS G 78 -3.34 -33.28 5.44
CA LYS G 78 -4.29 -33.95 6.32
C LYS G 78 -3.59 -34.96 7.23
N GLU G 79 -2.43 -35.44 6.78
CA GLU G 79 -1.65 -36.40 7.55
C GLU G 79 -0.69 -35.68 8.50
N LYS G 80 -0.30 -34.46 8.11
CA LYS G 80 0.60 -33.64 8.91
C LYS G 80 -0.08 -33.10 10.16
N LEU G 81 -1.39 -32.87 10.07
CA LEU G 81 -2.16 -32.36 11.19
C LEU G 81 -2.06 -33.29 12.39
N THR G 82 -2.53 -34.52 12.21
CA THR G 82 -2.48 -35.52 13.26
C THR G 82 -1.04 -35.75 13.72
N LYS G 83 -0.09 -35.45 12.84
CA LYS G 83 1.32 -35.56 13.16
C LYS G 83 1.74 -34.49 14.15
N ILE G 84 1.10 -33.33 14.09
CA ILE G 84 1.37 -32.22 15.00
C ILE G 84 0.51 -32.31 16.25
N LYS G 85 -0.77 -32.63 16.05
CA LYS G 85 -1.71 -32.75 17.17
C LYS G 85 -1.19 -33.71 18.23
N LYS G 86 -0.35 -34.66 17.80
CA LYS G 86 0.23 -35.64 18.72
C LYS G 86 1.49 -35.09 19.39
N GLY G 87 2.41 -34.57 18.58
CA GLY G 87 3.66 -34.04 19.08
C GLY G 87 3.46 -32.97 20.15
N LEU G 88 2.55 -32.05 19.88
CA LEU G 88 2.24 -30.98 20.84
C LEU G 88 1.40 -31.51 21.99
N GLU G 89 0.93 -32.75 21.87
CA GLU G 89 0.07 -33.33 22.88
C GLU G 89 0.86 -34.11 23.92
N ASN G 90 1.96 -34.70 23.49
CA ASN G 90 2.81 -35.48 24.38
C ASN G 90 3.49 -34.63 25.44
N ASP G 91 3.96 -33.45 25.03
CA ASP G 91 4.64 -32.54 25.94
C ASP G 91 3.65 -31.85 26.89
N GLY G 92 2.37 -32.18 26.75
CA GLY G 92 1.34 -31.65 27.62
C GLY G 92 0.92 -30.23 27.26
N LEU G 93 0.90 -29.94 25.96
CA LEU G 93 0.60 -28.60 25.49
C LEU G 93 -0.78 -28.54 24.82
N LEU G 94 -1.44 -29.69 24.71
CA LEU G 94 -2.70 -29.77 23.98
C LEU G 94 -3.55 -30.97 24.42
N ILE G 95 -4.66 -30.68 25.12
CA ILE G 95 -5.54 -31.73 25.62
C ILE G 95 -6.73 -31.95 24.68
N GLN G 96 -7.38 -33.10 24.80
CA GLN G 96 -8.53 -33.45 23.98
C GLN G 96 -9.58 -34.14 24.86
N LYS G 97 -10.73 -33.49 25.05
CA LYS G 97 -11.75 -33.98 25.97
C LYS G 97 -12.99 -34.48 25.26
N ARG G 98 -13.90 -35.09 26.01
CA ARG G 98 -15.09 -35.73 25.45
C ARG G 98 -16.40 -35.14 25.97
N ARG G 99 -17.48 -35.37 25.21
CA ARG G 99 -18.81 -34.96 25.61
C ARG G 99 -19.83 -35.94 25.02
N GLY G 100 -21.07 -35.87 25.52
CA GLY G 100 -22.11 -36.83 25.16
C GLY G 100 -22.28 -37.23 23.71
N LEU G 101 -23.37 -36.73 23.10
CA LEU G 101 -23.77 -37.17 21.76
C LEU G 101 -23.06 -36.42 20.65
N ASN G 102 -23.84 -35.81 19.76
CA ASN G 102 -23.29 -35.03 18.65
C ASN G 102 -22.59 -33.77 19.14
N LYS G 103 -22.47 -33.65 20.47
CA LYS G 103 -21.66 -32.59 21.05
C LYS G 103 -20.21 -32.78 20.62
N PRO G 104 -19.67 -31.83 19.85
CA PRO G 104 -18.37 -31.92 19.18
C PRO G 104 -17.23 -32.31 20.12
N ASN G 105 -16.15 -32.84 19.55
CA ASN G 105 -14.96 -33.19 20.31
C ASN G 105 -14.12 -31.95 20.62
N ILE G 106 -14.01 -31.62 21.90
CA ILE G 106 -13.39 -30.36 22.32
C ILE G 106 -11.88 -30.46 22.44
N LEU G 107 -11.20 -29.31 22.31
CA LEU G 107 -9.76 -29.23 22.48
C LEU G 107 -9.38 -28.07 23.39
N TYR G 108 -8.38 -28.28 24.24
CA TYR G 108 -7.89 -27.23 25.14
C TYR G 108 -6.42 -26.92 24.89
N LEU G 109 -6.03 -25.68 25.16
CA LEU G 109 -4.62 -25.30 25.05
C LEU G 109 -4.04 -25.10 26.45
N MET G 110 -2.80 -25.56 26.63
CA MET G 110 -2.13 -25.48 27.92
C MET G 110 -0.97 -24.50 27.88
N LYS G 111 -0.70 -23.88 29.02
CA LYS G 111 0.45 -22.98 29.15
C LYS G 111 1.67 -23.79 29.55
N PRO G 112 2.81 -23.52 28.91
CA PRO G 112 4.05 -24.28 29.20
C PRO G 112 4.44 -24.20 30.67
N ILE G 113 5.25 -25.17 31.12
CA ILE G 113 5.72 -25.19 32.50
C ILE G 113 7.17 -24.72 32.55
N VAL G 114 7.57 -24.15 33.69
CA VAL G 114 8.93 -23.64 33.84
C VAL G 114 9.58 -24.07 35.15
N THR G 115 10.85 -24.46 35.08
CA THR G 115 11.62 -24.80 36.26
C THR G 115 12.65 -23.69 36.53
N GLU G 116 13.23 -23.70 37.72
CA GLU G 116 14.24 -22.71 38.09
C GLU G 116 15.43 -22.74 37.12
N ARG G 117 15.49 -23.80 36.33
CA ARG G 117 16.53 -23.94 35.31
C ARG G 117 16.20 -23.08 34.08
N ASP G 118 14.94 -23.13 33.66
CA ASP G 118 14.49 -22.40 32.47
C ASP G 118 14.60 -20.89 32.66
N ILE G 119 14.16 -20.41 33.82
CA ILE G 119 14.32 -19.00 34.17
C ILE G 119 15.76 -18.58 33.87
N TYR G 120 16.69 -19.47 34.19
CA TYR G 120 18.12 -19.20 34.05
C TYR G 120 18.53 -19.14 32.58
N LYS G 121 18.27 -20.22 31.86
CA LYS G 121 18.67 -20.34 30.46
C LYS G 121 18.17 -19.15 29.64
N ILE G 122 16.86 -18.95 29.64
CA ILE G 122 16.23 -17.84 28.91
C ILE G 122 16.92 -16.52 29.25
N GLU G 123 17.27 -16.36 30.52
CA GLU G 123 17.84 -15.11 31.01
C GLU G 123 19.19 -14.81 30.36
N LYS G 124 20.01 -15.84 30.18
CA LYS G 124 21.31 -15.68 29.52
C LYS G 124 21.15 -15.23 28.07
N GLU G 125 20.17 -15.80 27.38
CA GLU G 125 19.97 -15.50 25.96
C GLU G 125 19.57 -14.04 25.75
N GLU G 126 18.69 -13.53 26.59
CA GLU G 126 18.22 -12.15 26.46
C GLU G 126 19.11 -11.20 27.25
N ASN G 127 20.27 -11.70 27.68
CA ASN G 127 21.28 -10.90 28.34
C ASN G 127 22.64 -11.26 27.75
N ASP G 128 22.62 -11.87 26.58
CA ASP G 128 23.83 -12.28 25.86
C ASP G 128 24.54 -11.07 25.27
N VAL G 129 24.86 -10.10 26.12
CA VAL G 129 25.52 -8.87 25.69
C VAL G 129 26.88 -9.16 25.08
N GLU G 130 27.50 -8.13 24.51
CA GLU G 130 28.81 -8.25 23.89
C GLU G 130 29.89 -7.66 24.81
N PRO G 131 30.57 -8.52 25.57
CA PRO G 131 31.60 -8.08 26.52
C PRO G 131 32.90 -7.69 25.82
N TYR G 132 32.77 -6.92 24.74
CA TYR G 132 33.93 -6.49 23.96
C TYR G 132 33.67 -5.14 23.29
N GLN H 1 -7.90 -17.50 48.16
CA GLN H 1 -7.04 -17.69 46.98
C GLN H 1 -6.30 -16.39 46.65
N ASN H 2 -4.99 -16.49 46.48
CA ASN H 2 -4.17 -15.30 46.20
C ASN H 2 -3.21 -15.49 45.03
N GLN H 3 -3.24 -14.53 44.12
CA GLN H 3 -2.38 -14.57 42.94
C GLN H 3 -1.26 -13.52 43.02
N TYR H 4 -0.18 -13.88 43.70
CA TYR H 4 1.01 -13.03 43.78
C TYR H 4 1.65 -12.89 42.39
N PHE H 5 2.71 -12.10 42.29
CA PHE H 5 3.44 -11.98 41.04
C PHE H 5 4.55 -13.02 40.99
N THR H 6 4.25 -14.16 40.38
CA THR H 6 5.20 -15.26 40.29
C THR H 6 6.19 -15.08 39.15
N VAL H 7 7.41 -15.58 39.34
CA VAL H 7 8.44 -15.49 38.32
C VAL H 7 8.23 -16.53 37.24
N GLN H 8 7.43 -17.56 37.55
CA GLN H 8 7.09 -18.57 36.56
C GLN H 8 6.01 -18.02 35.63
N GLU H 9 5.43 -16.89 36.03
CA GLU H 9 4.42 -16.22 35.24
C GLU H 9 5.09 -15.25 34.26
N ASN H 10 6.09 -14.52 34.76
CA ASN H 10 6.79 -13.51 33.95
C ASN H 10 7.55 -14.10 32.77
N TYR H 11 8.36 -15.12 33.03
CA TYR H 11 9.15 -15.74 31.97
C TYR H 11 8.31 -16.71 31.13
N LYS H 12 7.07 -16.96 31.57
CA LYS H 12 6.16 -17.82 30.82
C LYS H 12 5.41 -17.00 29.79
N GLU H 13 5.37 -15.69 30.00
CA GLU H 13 4.68 -14.78 29.09
C GLU H 13 5.65 -14.10 28.15
N ARG H 14 6.82 -14.70 27.98
CA ARG H 14 7.82 -14.18 27.05
C ARG H 14 7.80 -14.99 25.77
N PHE H 15 7.35 -14.37 24.69
CA PHE H 15 7.14 -15.08 23.43
C PHE H 15 7.98 -14.51 22.29
N TYR H 16 8.08 -15.28 21.21
CA TYR H 16 8.65 -14.79 19.96
C TYR H 16 7.53 -14.24 19.09
N GLN H 17 7.86 -13.24 18.29
CA GLN H 17 6.85 -12.51 17.52
C GLN H 17 7.06 -12.59 16.01
N ILE H 18 6.28 -13.44 15.36
CA ILE H 18 6.32 -13.57 13.91
C ILE H 18 5.13 -12.84 13.29
N PRO H 19 5.41 -11.78 12.52
CA PRO H 19 4.34 -10.98 11.90
C PRO H 19 3.41 -11.83 11.06
N LYS H 20 2.11 -11.72 11.31
CA LYS H 20 1.10 -12.50 10.61
C LYS H 20 1.15 -12.26 9.11
N VAL H 21 1.84 -11.20 8.71
CA VAL H 21 2.00 -10.83 7.31
C VAL H 21 2.98 -11.76 6.60
N PHE H 22 3.29 -12.88 7.24
CA PHE H 22 4.15 -13.90 6.64
C PHE H 22 3.34 -15.10 6.18
N PHE H 23 2.06 -15.11 6.53
CA PHE H 23 1.19 -16.26 6.24
C PHE H 23 0.01 -15.87 5.36
N THR H 24 0.20 -14.88 4.50
CA THR H 24 -0.88 -14.38 3.65
C THR H 24 -0.39 -13.90 2.28
N SER H 25 0.57 -12.98 2.28
CA SER H 25 0.99 -12.32 1.05
C SER H 25 1.94 -13.17 0.22
N GLU H 26 1.84 -13.03 -1.10
CA GLU H 26 2.69 -13.79 -2.03
C GLU H 26 4.16 -13.40 -1.87
N ASN H 27 4.42 -12.14 -1.54
CA ASN H 27 5.79 -11.68 -1.34
C ASN H 27 6.45 -12.40 -0.17
N TYR H 28 5.74 -12.41 0.96
CA TYR H 28 6.21 -13.11 2.16
C TYR H 28 5.47 -14.44 2.34
N LYS H 29 5.44 -15.25 1.30
CA LYS H 29 4.83 -16.58 1.38
C LYS H 29 5.85 -17.66 1.02
N ASN H 30 6.80 -17.33 0.15
CA ASN H 30 7.85 -18.24 -0.22
C ASN H 30 8.68 -18.64 1.00
N LEU H 31 8.67 -17.78 2.01
CA LEU H 31 9.39 -18.05 3.26
C LEU H 31 8.97 -19.38 3.88
N THR H 32 9.95 -20.07 4.48
CA THR H 32 9.70 -21.33 5.16
C THR H 32 9.61 -21.11 6.67
N ASN H 33 8.96 -22.02 7.37
CA ASN H 33 8.81 -21.91 8.82
C ASN H 33 10.15 -21.81 9.54
N ASP H 34 11.19 -22.33 8.91
CA ASP H 34 12.55 -22.21 9.45
C ASP H 34 13.03 -20.77 9.33
N MET H 35 12.68 -20.13 8.21
CA MET H 35 13.02 -18.72 7.99
C MET H 35 12.17 -17.82 8.89
N LYS H 36 10.92 -18.22 9.09
CA LYS H 36 9.97 -17.45 9.89
C LYS H 36 10.42 -17.33 11.34
N ILE H 37 10.49 -18.46 12.05
CA ILE H 37 10.89 -18.46 13.45
C ILE H 37 12.27 -17.82 13.63
N ALA H 38 13.13 -17.96 12.62
CA ALA H 38 14.44 -17.34 12.64
C ALA H 38 14.31 -15.83 12.75
N TYR H 39 13.22 -15.30 12.21
CA TYR H 39 12.98 -13.87 12.22
C TYR H 39 12.51 -13.38 13.59
N ALA H 40 11.51 -14.07 14.15
CA ALA H 40 10.99 -13.69 15.47
C ALA H 40 12.12 -13.54 16.48
N ILE H 41 13.17 -14.34 16.29
CA ILE H 41 14.33 -14.29 17.16
C ILE H 41 15.22 -13.09 16.84
N LEU H 42 15.59 -12.96 15.57
CA LEU H 42 16.38 -11.82 15.13
C LEU H 42 15.69 -10.52 15.49
N ARG H 43 14.37 -10.59 15.67
CA ARG H 43 13.57 -9.44 16.05
C ARG H 43 13.70 -9.19 17.55
N ASP H 44 13.85 -10.27 18.29
CA ASP H 44 14.02 -10.21 19.75
C ASP H 44 15.41 -9.70 20.10
N ARG H 45 16.37 -9.96 19.22
CA ARG H 45 17.76 -9.62 19.48
C ARG H 45 18.01 -8.12 19.54
N LEU H 46 17.24 -7.35 18.77
CA LEU H 46 17.42 -5.91 18.74
C LEU H 46 17.41 -5.32 20.15
N ASN H 47 16.64 -5.92 21.05
CA ASN H 47 16.62 -5.49 22.44
C ASN H 47 18.04 -5.33 22.96
N LEU H 48 18.86 -6.33 22.66
CA LEU H 48 20.24 -6.36 23.12
C LEU H 48 21.14 -5.52 22.21
N SER H 49 20.88 -5.56 20.91
CA SER H 49 21.63 -4.76 19.94
C SER H 49 21.72 -3.31 20.37
N ILE H 50 20.67 -2.83 21.04
CA ILE H 50 20.64 -1.48 21.56
C ILE H 50 21.63 -1.32 22.71
N LYS H 51 21.68 -2.32 23.59
CA LYS H 51 22.61 -2.29 24.72
C LYS H 51 24.06 -2.30 24.25
N ASN H 52 24.25 -2.67 22.99
CA ASN H 52 25.56 -2.67 22.37
C ASN H 52 25.85 -1.32 21.73
N SER H 53 24.82 -0.47 21.70
CA SER H 53 24.91 0.85 21.06
C SER H 53 24.97 0.71 19.54
N TRP H 54 24.57 -0.46 19.04
CA TRP H 54 24.57 -0.74 17.61
C TRP H 54 23.47 0.04 16.90
N VAL H 55 23.77 1.30 16.59
CA VAL H 55 22.80 2.18 15.94
C VAL H 55 23.48 3.13 14.97
N ASP H 56 22.87 3.35 13.81
CA ASP H 56 23.41 4.26 12.82
C ASP H 56 23.39 5.70 13.34
N GLU H 57 23.88 6.62 12.51
CA GLU H 57 23.75 8.05 12.80
C GLU H 57 22.35 8.50 12.42
N ASP H 58 21.52 7.55 12.00
CA ASP H 58 20.13 7.82 11.65
C ASP H 58 19.20 7.29 12.73
N GLY H 59 19.52 6.12 13.26
CA GLY H 59 18.73 5.52 14.32
C GLY H 59 18.42 4.05 14.07
N ASN H 60 18.89 3.53 12.95
CA ASN H 60 18.61 2.16 12.57
C ASN H 60 19.44 1.15 13.36
N ILE H 61 18.79 0.06 13.79
CA ILE H 61 19.43 -0.94 14.62
C ILE H 61 20.00 -2.09 13.79
N TYR H 62 21.32 -2.20 13.79
CA TYR H 62 21.99 -3.25 13.03
C TYR H 62 22.58 -4.32 13.96
N PHE H 63 22.95 -5.46 13.38
CA PHE H 63 23.64 -6.52 14.11
C PHE H 63 25.08 -6.60 13.64
N VAL H 64 25.97 -7.03 14.52
CA VAL H 64 27.36 -7.25 14.15
C VAL H 64 27.73 -8.70 14.41
N TYR H 65 26.71 -9.56 14.46
CA TYR H 65 26.91 -10.98 14.72
C TYR H 65 27.78 -11.65 13.67
N SER H 66 28.80 -12.37 14.14
CA SER H 66 29.72 -13.07 13.25
C SER H 66 29.06 -14.27 12.61
N ASN H 67 29.61 -14.72 11.49
CA ASN H 67 29.06 -15.84 10.73
C ASN H 67 29.23 -17.19 11.44
N GLU H 68 29.22 -17.16 12.77
CA GLU H 68 29.33 -18.38 13.57
C GLU H 68 28.30 -18.40 14.69
N LYS H 69 28.29 -17.36 15.52
CA LYS H 69 27.31 -17.22 16.59
C LYS H 69 25.90 -17.13 16.03
N LEU H 70 25.78 -16.70 14.78
CA LEU H 70 24.51 -16.66 14.09
C LEU H 70 23.97 -18.07 13.92
N MET H 71 24.85 -18.99 13.53
CA MET H 71 24.48 -20.39 13.36
C MET H 71 23.98 -20.98 14.67
N GLU H 72 24.44 -20.41 15.77
CA GLU H 72 24.14 -20.93 17.09
C GLU H 72 22.87 -20.31 17.67
N ILE H 73 22.68 -19.01 17.44
CA ILE H 73 21.50 -18.30 17.94
C ILE H 73 20.23 -19.08 17.58
N LEU H 74 20.17 -19.53 16.34
CA LEU H 74 19.03 -20.27 15.85
C LEU H 74 19.12 -21.73 16.26
N ASN H 75 20.34 -22.18 16.54
CA ASN H 75 20.61 -23.58 16.85
C ASN H 75 20.55 -24.45 15.59
N CYS H 76 21.51 -24.24 14.69
CA CYS H 76 21.56 -24.94 13.42
C CYS H 76 22.99 -25.17 12.91
N LYS H 77 23.13 -25.36 11.61
CA LYS H 77 24.43 -25.64 11.00
C LYS H 77 24.83 -24.56 10.00
N LYS H 78 25.80 -24.87 9.15
CA LYS H 78 26.26 -23.92 8.13
C LYS H 78 25.52 -24.15 6.82
N GLU H 79 24.35 -24.77 6.91
CA GLU H 79 23.48 -24.94 5.75
C GLU H 79 22.17 -24.22 5.96
N LYS H 80 21.53 -24.47 7.09
CA LYS H 80 20.26 -23.83 7.41
C LYS H 80 20.45 -22.33 7.60
N LEU H 81 21.70 -21.93 7.77
CA LEU H 81 22.04 -20.52 7.91
C LEU H 81 21.91 -19.78 6.58
N THR H 82 22.65 -20.26 5.58
CA THR H 82 22.65 -19.62 4.27
C THR H 82 21.30 -19.80 3.54
N LYS H 83 20.61 -20.89 3.83
CA LYS H 83 19.28 -21.10 3.26
C LYS H 83 18.28 -20.09 3.80
N ILE H 84 18.25 -19.93 5.11
CA ILE H 84 17.36 -18.98 5.76
C ILE H 84 17.81 -17.54 5.51
N LYS H 85 19.08 -17.27 5.73
CA LYS H 85 19.62 -15.93 5.53
C LYS H 85 19.38 -15.41 4.12
N LYS H 86 19.34 -16.33 3.15
CA LYS H 86 19.09 -15.96 1.76
C LYS H 86 17.60 -15.71 1.51
N GLY H 87 16.74 -16.54 2.10
CA GLY H 87 15.31 -16.39 1.95
C GLY H 87 14.81 -15.01 2.37
N LEU H 88 15.47 -14.43 3.36
CA LEU H 88 15.11 -13.11 3.86
C LEU H 88 15.94 -12.01 3.21
N GLU H 89 16.93 -12.41 2.43
CA GLU H 89 17.81 -11.48 1.73
C GLU H 89 17.27 -11.09 0.37
N ASN H 90 16.62 -12.03 -0.30
CA ASN H 90 16.07 -11.79 -1.63
C ASN H 90 14.58 -11.48 -1.58
N ASP H 91 14.03 -11.44 -0.38
CA ASP H 91 12.60 -11.18 -0.20
C ASP H 91 12.37 -9.77 0.34
N GLY H 92 13.45 -9.02 0.52
CA GLY H 92 13.36 -7.67 1.05
C GLY H 92 12.97 -7.65 2.51
N LEU H 93 13.83 -8.21 3.35
CA LEU H 93 13.57 -8.30 4.78
C LEU H 93 14.88 -8.30 5.57
N LEU H 94 16.00 -8.31 4.86
CA LEU H 94 17.30 -8.43 5.49
C LEU H 94 18.40 -7.91 4.57
N ILE H 95 19.20 -6.96 5.06
CA ILE H 95 20.29 -6.40 4.26
C ILE H 95 21.64 -6.51 4.97
N GLN H 96 22.70 -6.72 4.19
CA GLN H 96 24.06 -6.74 4.71
C GLN H 96 24.91 -5.74 3.92
N LYS H 97 25.29 -4.65 4.57
CA LYS H 97 26.03 -3.60 3.89
C LYS H 97 27.55 -3.75 4.03
N ARG H 98 28.04 -4.97 3.83
CA ARG H 98 29.48 -5.20 3.80
C ARG H 98 30.11 -4.43 2.63
N ARG H 99 31.10 -3.58 2.94
CA ARG H 99 31.69 -2.72 1.92
C ARG H 99 32.93 -1.98 2.44
N GLY H 100 34.10 -2.59 2.26
CA GLY H 100 35.34 -1.97 2.66
C GLY H 100 36.54 -2.89 2.76
N LEU H 101 37.25 -2.81 3.89
CA LEU H 101 38.51 -3.53 4.09
C LEU H 101 38.30 -4.99 4.47
N ASN H 102 37.66 -5.20 5.61
CA ASN H 102 37.47 -6.51 6.20
C ASN H 102 36.50 -6.38 7.37
N LYS H 103 36.08 -5.14 7.61
CA LYS H 103 35.18 -4.83 8.71
C LYS H 103 33.95 -5.73 8.77
N PRO H 104 33.54 -6.12 9.99
CA PRO H 104 32.44 -7.04 10.28
C PRO H 104 31.26 -6.91 9.33
N ASN H 105 30.72 -8.07 8.94
CA ASN H 105 29.57 -8.12 8.05
C ASN H 105 28.35 -7.49 8.72
N ILE H 106 28.15 -6.20 8.49
CA ILE H 106 27.03 -5.48 9.11
C ILE H 106 25.69 -5.95 8.56
N LEU H 107 24.80 -6.34 9.47
CA LEU H 107 23.46 -6.78 9.09
C LEU H 107 22.41 -5.87 9.72
N TYR H 108 21.25 -5.76 9.09
CA TYR H 108 20.13 -5.00 9.65
C TYR H 108 18.92 -5.89 9.88
N LEU H 109 17.75 -5.38 9.50
CA LEU H 109 16.50 -6.13 9.63
C LEU H 109 15.33 -5.24 9.25
N MET H 110 14.68 -5.55 8.13
CA MET H 110 13.64 -4.68 7.59
C MET H 110 12.25 -5.08 8.09
N LYS H 111 11.39 -4.08 8.27
CA LYS H 111 10.01 -4.30 8.65
C LYS H 111 9.20 -4.74 7.44
N PRO H 112 8.30 -5.72 7.63
CA PRO H 112 7.48 -6.27 6.55
C PRO H 112 6.57 -5.23 5.88
N ILE H 113 6.06 -5.58 4.70
CA ILE H 113 5.13 -4.72 3.97
C ILE H 113 3.72 -5.29 4.06
N VAL H 114 2.71 -4.42 4.05
CA VAL H 114 1.33 -4.87 4.17
C VAL H 114 0.42 -4.24 3.13
N THR H 115 0.32 -4.88 1.96
CA THR H 115 -0.59 -4.43 0.91
C THR H 115 -2.02 -4.45 1.42
N GLU H 116 -2.89 -3.66 0.79
CA GLU H 116 -4.28 -3.60 1.23
C GLU H 116 -4.91 -5.00 1.22
N ARG H 117 -4.39 -5.86 0.35
CA ARG H 117 -4.86 -7.24 0.28
C ARG H 117 -4.51 -7.98 1.57
N ASP H 118 -3.32 -7.72 2.09
CA ASP H 118 -2.87 -8.32 3.34
C ASP H 118 -3.79 -7.94 4.49
N ILE H 119 -4.07 -6.65 4.63
CA ILE H 119 -5.01 -6.18 5.64
C ILE H 119 -6.31 -6.96 5.55
N TYR H 120 -6.73 -7.25 4.33
CA TYR H 120 -7.95 -8.00 4.07
C TYR H 120 -7.85 -9.39 4.68
N LYS H 121 -6.82 -10.12 4.30
CA LYS H 121 -6.60 -11.49 4.79
C LYS H 121 -6.78 -11.59 6.29
N ILE H 122 -6.07 -10.74 7.02
CA ILE H 122 -6.12 -10.74 8.48
C ILE H 122 -7.51 -10.41 9.01
N GLU H 123 -8.14 -9.41 8.42
CA GLU H 123 -9.47 -8.96 8.83
C GLU H 123 -10.40 -10.13 9.16
N LYS H 124 -10.66 -10.99 8.18
CA LYS H 124 -11.59 -12.10 8.37
C LYS H 124 -11.13 -13.08 9.44
N GLU H 125 -9.81 -13.27 9.52
CA GLU H 125 -9.24 -14.24 10.47
C GLU H 125 -9.77 -14.03 11.89
N GLU H 126 -9.76 -12.77 12.34
CA GLU H 126 -10.29 -12.46 13.66
C GLU H 126 -11.81 -12.30 13.61
N ASN H 127 -12.47 -13.16 12.83
CA ASN H 127 -13.92 -13.17 12.73
C ASN H 127 -14.46 -14.49 12.20
N ASP H 128 -15.38 -15.09 12.94
CA ASP H 128 -16.02 -16.34 12.51
C ASP H 128 -17.26 -16.68 13.33
N VAL H 129 -18.19 -17.40 12.71
CA VAL H 129 -19.44 -17.77 13.35
C VAL H 129 -19.20 -18.47 14.68
#